data_5AQS
#
_entry.id   5AQS
#
_cell.length_a   230.369
_cell.length_b   40.538
_cell.length_c   116.618
_cell.angle_alpha   90.00
_cell.angle_beta   90.51
_cell.angle_gamma   90.00
#
_symmetry.space_group_name_H-M   'C 1 2 1'
#
loop_
_entity.id
_entity.type
_entity.pdbx_description
1 polymer 'HEAT SHOCK COGNATE 71 KDA PROTEIN'
2 polymer 'BAG FAMILY MOLECULAR CHAPERONE REGULATOR 1'
3 non-polymer ISOQUINOLIN-1-AMINE
4 non-polymer GLYCEROL
5 water water
#
loop_
_entity_poly.entity_id
_entity_poly.type
_entity_poly.pdbx_seq_one_letter_code
_entity_poly.pdbx_strand_id
1 'polypeptide(L)'
;GPLGSMSKGPAVGIDLGTTYSCVGVFQHGKVEIIANDQGNRTTPSYVAFTDTERLIGDAAKNQVAMNPTNTVFDAKRLIG
RRFDDAVVQSDMKHWPFMVVNDAGRPKVQVEYKGETKSFYPEEVSSMVLTKMKEIAEAYLGKTVTNAVVTVPAYFNDSQR
QATKDAGTIAGLNVLRIINEPTAAAIAYGLDKKVGAERNVLIFDLGGGTFDVSILTIEDGIFEVKSTAGDTHLGGEDFDN
RMVNHFIAEFKRKHKKDISENKRAVRRLRTACERAKRTLSSSTQASIEIDSLYEGIDFYTSITRARFEELNADLFRGTLD
PVEKALRDAKLDKSQIHDIVLVGGSTRIPKIQKLLQDFFNGKELNKSINPDEAVAYGAAVQAAILS
;
A,C
2 'polypeptide(L)'
;GPLGSNSPQEEVELKKLKHLEKSVEKIADQLEELNKELTGIQQGFLPKDLQAEALCKLDRRVKATIEQFMKILEEIDTLI
LPENFKDSRLKRKGLVKKVQAFLAECDTVEQNICQETE
;
B,D
#
# COMPACT_ATOMS: atom_id res chain seq x y z
N SER A 5 44.88 9.51 8.06
CA SER A 5 44.07 9.08 9.20
C SER A 5 42.62 9.58 9.14
N MET A 6 41.68 8.81 9.69
CA MET A 6 40.24 9.12 9.72
C MET A 6 39.78 9.46 11.13
N SER A 7 38.71 10.27 11.23
CA SER A 7 38.09 10.66 12.51
C SER A 7 37.25 9.49 13.02
N LYS A 8 37.00 9.45 14.35
CA LYS A 8 36.18 8.41 14.97
C LYS A 8 34.73 8.62 14.54
N GLY A 9 34.11 7.53 14.10
CA GLY A 9 32.75 7.54 13.58
C GLY A 9 31.68 7.07 14.55
N PRO A 10 30.45 6.83 14.02
CA PRO A 10 29.35 6.38 14.89
C PRO A 10 29.31 4.86 15.11
N ALA A 11 28.31 4.39 15.89
CA ALA A 11 28.08 2.97 16.16
C ALA A 11 27.19 2.39 15.06
N VAL A 12 27.49 1.17 14.58
CA VAL A 12 26.72 0.55 13.48
C VAL A 12 25.97 -0.72 13.95
N GLY A 13 24.98 -1.13 13.17
CA GLY A 13 24.20 -2.34 13.41
C GLY A 13 24.52 -3.40 12.37
N ILE A 14 24.93 -4.60 12.79
CA ILE A 14 25.33 -5.68 11.88
C ILE A 14 24.46 -6.93 12.02
N ASP A 15 23.86 -7.38 10.90
CA ASP A 15 23.10 -8.62 10.80
C ASP A 15 24.08 -9.65 10.23
N LEU A 16 24.64 -10.49 11.11
CA LEU A 16 25.61 -11.51 10.70
C LEU A 16 24.81 -12.75 10.27
N GLY A 17 24.33 -12.72 9.02
CA GLY A 17 23.51 -13.79 8.45
C GLY A 17 24.31 -14.98 7.97
N THR A 18 23.62 -16.12 7.76
CA THR A 18 24.21 -17.38 7.30
C THR A 18 24.82 -17.27 5.91
N THR A 19 24.04 -16.75 4.94
CA THR A 19 24.47 -16.62 3.55
C THR A 19 24.95 -15.21 3.24
N TYR A 20 24.18 -14.18 3.68
CA TYR A 20 24.48 -12.76 3.46
C TYR A 20 24.46 -11.99 4.77
N SER A 21 25.41 -11.07 4.94
CA SER A 21 25.49 -10.17 6.10
C SER A 21 25.05 -8.77 5.66
N CYS A 22 24.60 -7.93 6.61
CA CYS A 22 24.10 -6.57 6.32
C CYS A 22 24.51 -5.58 7.42
N VAL A 23 24.95 -4.37 7.03
CA VAL A 23 25.36 -3.32 8.00
C VAL A 23 24.56 -2.02 7.79
N GLY A 24 24.10 -1.45 8.89
CA GLY A 24 23.34 -0.21 8.90
C GLY A 24 23.85 0.81 9.90
N VAL A 25 23.60 2.09 9.62
CA VAL A 25 23.99 3.18 10.51
C VAL A 25 22.82 4.17 10.65
N PHE A 26 22.58 4.62 11.89
CA PHE A 26 21.50 5.57 12.15
C PHE A 26 22.07 6.97 11.99
N GLN A 27 21.51 7.73 11.04
CA GLN A 27 21.96 9.09 10.73
C GLN A 27 20.86 9.96 10.19
N HIS A 28 20.79 11.22 10.70
CA HIS A 28 19.82 12.24 10.32
C HIS A 28 18.37 11.78 10.55
N GLY A 29 18.14 11.18 11.72
CA GLY A 29 16.83 10.69 12.08
C GLY A 29 16.33 9.51 11.28
N LYS A 30 17.23 8.74 10.69
CA LYS A 30 16.86 7.56 9.91
C LYS A 30 18.00 6.56 9.83
N VAL A 31 17.66 5.30 9.54
CA VAL A 31 18.65 4.24 9.40
C VAL A 31 19.00 4.07 7.92
N GLU A 32 20.29 4.18 7.65
CA GLU A 32 20.86 4.07 6.31
C GLU A 32 21.58 2.73 6.19
N ILE A 33 21.13 1.90 5.26
CA ILE A 33 21.74 0.59 5.04
C ILE A 33 22.88 0.84 4.04
N ILE A 34 24.09 0.54 4.48
CA ILE A 34 25.34 0.76 3.77
C ILE A 34 25.60 -0.28 2.65
N ALA A 35 25.97 0.24 1.45
CA ALA A 35 26.31 -0.55 0.27
C ALA A 35 27.80 -0.90 0.32
N ASN A 36 28.20 -2.06 -0.25
CA ASN A 36 29.60 -2.50 -0.28
C ASN A 36 30.32 -2.02 -1.55
N ASP A 37 31.61 -2.40 -1.70
CA ASP A 37 32.50 -2.04 -2.82
C ASP A 37 31.92 -2.39 -4.21
N GLN A 38 31.10 -3.46 -4.30
CA GLN A 38 30.44 -3.89 -5.55
C GLN A 38 29.04 -3.24 -5.71
N GLY A 39 28.71 -2.35 -4.78
CA GLY A 39 27.44 -1.61 -4.75
C GLY A 39 26.27 -2.34 -4.13
N ASN A 40 26.53 -3.46 -3.43
CA ASN A 40 25.47 -4.28 -2.83
C ASN A 40 25.17 -3.95 -1.39
N ARG A 41 23.87 -3.88 -1.04
CA ARG A 41 23.36 -3.58 0.31
C ARG A 41 23.48 -4.78 1.28
N THR A 42 23.78 -5.98 0.74
CA THR A 42 24.07 -7.20 1.50
C THR A 42 25.37 -7.79 0.96
N THR A 43 26.21 -8.31 1.87
CA THR A 43 27.51 -8.88 1.51
C THR A 43 27.51 -10.39 1.81
N PRO A 44 27.80 -11.28 0.82
CA PRO A 44 27.82 -12.74 1.13
C PRO A 44 28.82 -13.12 2.22
N SER A 45 28.36 -13.90 3.21
CA SER A 45 29.17 -14.36 4.34
C SER A 45 30.08 -15.52 3.88
N TYR A 46 30.99 -15.18 2.94
CA TYR A 46 31.91 -16.08 2.27
C TYR A 46 33.36 -15.66 2.46
N VAL A 47 34.24 -16.66 2.69
CA VAL A 47 35.67 -16.45 2.82
C VAL A 47 36.39 -17.49 1.96
N ALA A 48 37.14 -17.01 0.95
CA ALA A 48 37.91 -17.87 0.04
C ALA A 48 39.41 -17.75 0.33
N PHE A 49 40.12 -18.86 0.21
CA PHE A 49 41.57 -18.93 0.45
C PHE A 49 42.25 -19.46 -0.83
N THR A 50 43.08 -18.61 -1.47
CA THR A 50 43.81 -18.97 -2.70
C THR A 50 45.32 -19.13 -2.43
N ASP A 51 46.07 -19.54 -3.48
CA ASP A 51 47.53 -19.74 -3.47
C ASP A 51 48.29 -18.42 -3.24
N THR A 52 47.59 -17.27 -3.41
CA THR A 52 48.19 -15.94 -3.26
C THR A 52 47.40 -14.96 -2.35
N GLU A 53 46.09 -15.21 -2.06
CA GLU A 53 45.34 -14.28 -1.19
C GLU A 53 44.12 -14.92 -0.47
N ARG A 54 43.49 -14.09 0.36
CA ARG A 54 42.30 -14.41 1.10
C ARG A 54 41.27 -13.38 0.65
N LEU A 55 40.11 -13.89 0.23
CA LEU A 55 38.98 -13.08 -0.25
C LEU A 55 37.80 -13.19 0.72
N ILE A 56 37.08 -12.08 0.92
CA ILE A 56 35.92 -11.99 1.82
C ILE A 56 34.78 -11.28 1.10
N GLY A 57 33.58 -11.84 1.20
CA GLY A 57 32.36 -11.26 0.63
C GLY A 57 32.05 -11.66 -0.78
N ASP A 58 31.79 -10.67 -1.64
CA ASP A 58 31.47 -10.85 -3.06
C ASP A 58 32.66 -11.41 -3.83
N ALA A 59 33.89 -10.97 -3.50
CA ALA A 59 35.15 -11.41 -4.12
C ALA A 59 35.42 -12.91 -3.88
N ALA A 60 34.93 -13.43 -2.73
CA ALA A 60 35.02 -14.84 -2.32
C ALA A 60 33.96 -15.69 -3.02
N LYS A 61 32.73 -15.16 -3.17
CA LYS A 61 31.60 -15.84 -3.80
C LYS A 61 31.77 -15.93 -5.32
N ASN A 62 32.34 -14.88 -5.96
CA ASN A 62 32.53 -14.83 -7.42
C ASN A 62 33.47 -15.92 -7.95
N GLN A 63 34.37 -16.44 -7.10
CA GLN A 63 35.29 -17.53 -7.47
C GLN A 63 34.93 -18.89 -6.82
N VAL A 64 33.71 -19.03 -6.24
CA VAL A 64 33.24 -20.25 -5.56
C VAL A 64 33.22 -21.49 -6.51
N ALA A 65 32.95 -21.29 -7.81
CA ALA A 65 32.94 -22.38 -8.79
C ALA A 65 34.36 -22.72 -9.26
N MET A 66 35.32 -21.80 -9.07
CA MET A 66 36.72 -21.97 -9.46
C MET A 66 37.52 -22.70 -8.37
N ASN A 67 37.30 -22.31 -7.10
CA ASN A 67 37.98 -22.86 -5.92
C ASN A 67 36.92 -23.29 -4.86
N PRO A 68 36.14 -24.38 -5.11
CA PRO A 68 35.09 -24.75 -4.13
C PRO A 68 35.57 -25.30 -2.78
N THR A 69 36.63 -26.15 -2.79
CA THR A 69 37.17 -26.79 -1.59
C THR A 69 37.78 -25.82 -0.58
N ASN A 70 38.17 -24.62 -1.04
CA ASN A 70 38.83 -23.61 -0.21
C ASN A 70 37.99 -22.33 0.01
N THR A 71 36.69 -22.34 -0.37
CA THR A 71 35.74 -21.24 -0.15
C THR A 71 34.71 -21.64 0.91
N VAL A 72 34.82 -21.03 2.10
CA VAL A 72 33.99 -21.26 3.29
C VAL A 72 32.78 -20.34 3.31
N PHE A 73 31.67 -20.90 3.79
CA PHE A 73 30.39 -20.25 3.98
C PHE A 73 29.60 -21.07 5.01
N ASP A 74 28.48 -20.56 5.49
CA ASP A 74 27.63 -21.24 6.49
C ASP A 74 28.32 -21.45 7.85
N ALA A 75 29.24 -20.55 8.19
CA ALA A 75 29.99 -20.60 9.44
C ALA A 75 29.08 -20.43 10.66
N LYS A 76 27.98 -19.71 10.45
CA LYS A 76 26.97 -19.42 11.47
C LYS A 76 26.30 -20.72 11.96
N ARG A 77 26.22 -21.73 11.05
CA ARG A 77 25.67 -23.07 11.32
C ARG A 77 26.67 -23.89 12.17
N LEU A 78 27.92 -23.41 12.31
CA LEU A 78 28.98 -24.06 13.05
C LEU A 78 29.43 -23.29 14.30
N ILE A 79 29.18 -21.96 14.34
CA ILE A 79 29.63 -21.06 15.41
C ILE A 79 29.07 -21.45 16.80
N GLY A 80 30.00 -21.67 17.74
CA GLY A 80 29.71 -22.04 19.12
C GLY A 80 29.08 -23.40 19.32
N ARG A 81 29.27 -24.29 18.33
CA ARG A 81 28.75 -25.65 18.36
C ARG A 81 29.87 -26.64 18.59
N ARG A 82 29.51 -27.84 19.07
CA ARG A 82 30.44 -28.95 19.28
C ARG A 82 30.53 -29.73 17.98
N PHE A 83 31.67 -30.39 17.70
CA PHE A 83 31.88 -31.16 16.48
C PHE A 83 30.83 -32.26 16.27
N ASP A 84 30.44 -32.93 17.37
CA ASP A 84 29.49 -34.04 17.35
C ASP A 84 28.02 -33.59 17.36
N ASP A 85 27.74 -32.26 17.24
CA ASP A 85 26.39 -31.71 17.17
C ASP A 85 25.69 -32.31 15.96
N ALA A 86 24.40 -32.69 16.14
CA ALA A 86 23.54 -33.25 15.10
C ALA A 86 23.51 -32.31 13.88
N VAL A 87 23.46 -30.97 14.14
CA VAL A 87 23.43 -29.90 13.14
C VAL A 87 24.74 -29.89 12.35
N VAL A 88 25.90 -29.98 13.05
CA VAL A 88 27.24 -30.00 12.43
C VAL A 88 27.40 -31.18 11.46
N GLN A 89 27.18 -32.41 11.93
CA GLN A 89 27.32 -33.61 11.11
C GLN A 89 26.39 -33.67 9.92
N SER A 90 25.16 -33.23 10.08
CA SER A 90 24.20 -33.22 8.99
C SER A 90 24.63 -32.29 7.85
N ASP A 91 25.11 -31.10 8.22
CA ASP A 91 25.55 -30.06 7.29
C ASP A 91 26.87 -30.35 6.57
N MET A 92 27.71 -31.17 7.19
CA MET A 92 29.01 -31.52 6.65
C MET A 92 28.89 -32.18 5.28
N LYS A 93 27.77 -32.88 5.06
CA LYS A 93 27.51 -33.56 3.80
C LYS A 93 27.44 -32.62 2.59
N HIS A 94 26.82 -31.47 2.78
CA HIS A 94 26.64 -30.48 1.73
C HIS A 94 27.80 -29.51 1.43
N TRP A 95 28.79 -29.44 2.30
CA TRP A 95 29.91 -28.52 2.12
C TRP A 95 31.10 -29.07 1.32
N PRO A 96 31.62 -28.30 0.36
CA PRO A 96 32.78 -28.76 -0.43
C PRO A 96 34.09 -28.65 0.35
N PHE A 97 34.13 -27.74 1.35
CA PHE A 97 35.26 -27.50 2.23
C PHE A 97 35.27 -28.52 3.38
N MET A 98 36.45 -28.80 3.97
CA MET A 98 36.58 -29.75 5.06
C MET A 98 36.28 -29.14 6.41
N VAL A 99 35.65 -29.95 7.29
CA VAL A 99 35.38 -29.65 8.68
C VAL A 99 36.06 -30.77 9.47
N VAL A 100 37.01 -30.41 10.34
CA VAL A 100 37.78 -31.37 11.14
C VAL A 100 37.53 -31.22 12.64
N ASN A 101 37.65 -32.32 13.38
CA ASN A 101 37.53 -32.35 14.83
C ASN A 101 38.84 -31.87 15.44
N ASP A 102 38.75 -30.99 16.45
CA ASP A 102 39.90 -30.45 17.17
C ASP A 102 39.54 -30.39 18.65
N ALA A 103 39.66 -31.55 19.33
CA ALA A 103 39.33 -31.77 20.74
C ALA A 103 37.88 -31.39 21.09
N GLY A 104 36.95 -31.93 20.30
CA GLY A 104 35.51 -31.72 20.44
C GLY A 104 34.96 -30.53 19.68
N ARG A 105 35.84 -29.60 19.24
CA ARG A 105 35.50 -28.38 18.52
C ARG A 105 35.67 -28.51 17.01
N PRO A 106 34.73 -27.97 16.19
CA PRO A 106 34.91 -28.05 14.74
C PRO A 106 35.84 -26.95 14.19
N LYS A 107 36.60 -27.29 13.15
CA LYS A 107 37.54 -26.39 12.48
C LYS A 107 37.36 -26.52 10.98
N VAL A 108 37.57 -25.42 10.26
CA VAL A 108 37.46 -25.44 8.81
C VAL A 108 38.85 -25.69 8.23
N GLN A 109 39.02 -26.78 7.46
CA GLN A 109 40.32 -27.12 6.87
C GLN A 109 40.37 -26.79 5.38
N VAL A 110 41.31 -25.91 5.02
CA VAL A 110 41.50 -25.41 3.66
C VAL A 110 42.99 -25.35 3.30
N GLU A 111 43.27 -25.22 1.99
CA GLU A 111 44.62 -25.01 1.45
C GLU A 111 44.71 -23.48 1.23
N TYR A 112 45.69 -22.84 1.88
CA TYR A 112 45.87 -21.40 1.80
C TYR A 112 47.34 -21.04 1.65
N LYS A 113 47.70 -20.45 0.48
CA LYS A 113 49.05 -20.03 0.09
C LYS A 113 50.03 -21.22 0.01
N GLY A 114 49.50 -22.36 -0.45
CA GLY A 114 50.25 -23.61 -0.63
C GLY A 114 50.29 -24.56 0.55
N GLU A 115 49.83 -24.11 1.74
CA GLU A 115 49.84 -24.90 2.97
C GLU A 115 48.45 -25.16 3.56
N THR A 116 48.30 -26.33 4.24
CA THR A 116 47.07 -26.76 4.89
C THR A 116 46.87 -25.94 6.17
N LYS A 117 45.81 -25.11 6.20
CA LYS A 117 45.51 -24.25 7.34
C LYS A 117 44.09 -24.47 7.85
N SER A 118 43.93 -24.47 9.18
CA SER A 118 42.65 -24.66 9.86
C SER A 118 42.23 -23.39 10.60
N PHE A 119 40.90 -23.13 10.66
CA PHE A 119 40.32 -21.96 11.31
C PHE A 119 39.04 -22.31 12.05
N TYR A 120 38.88 -21.77 13.26
CA TYR A 120 37.67 -21.94 14.08
C TYR A 120 36.49 -21.20 13.43
N PRO A 121 35.21 -21.61 13.63
CA PRO A 121 34.10 -20.89 12.97
C PRO A 121 34.05 -19.38 13.25
N GLU A 122 34.43 -18.93 14.47
CA GLU A 122 34.44 -17.52 14.86
C GLU A 122 35.60 -16.73 14.22
N GLU A 123 36.69 -17.44 13.81
CA GLU A 123 37.83 -16.84 13.12
C GLU A 123 37.38 -16.48 11.71
N VAL A 124 36.51 -17.31 11.11
CA VAL A 124 35.93 -17.11 9.78
C VAL A 124 34.88 -15.99 9.85
N SER A 125 33.99 -16.02 10.88
CA SER A 125 32.96 -15.00 11.10
C SER A 125 33.57 -13.63 11.43
N SER A 126 34.78 -13.62 12.03
CA SER A 126 35.51 -12.40 12.35
C SER A 126 36.04 -11.75 11.06
N MET A 127 36.40 -12.56 10.04
CA MET A 127 36.86 -12.09 8.73
C MET A 127 35.66 -11.46 8.02
N VAL A 128 34.46 -12.06 8.21
CA VAL A 128 33.17 -11.58 7.67
C VAL A 128 32.76 -10.26 8.39
N LEU A 129 33.03 -10.16 9.71
CA LEU A 129 32.70 -8.96 10.48
C LEU A 129 33.68 -7.82 10.18
N THR A 130 34.97 -8.13 9.93
CA THR A 130 36.02 -7.16 9.56
C THR A 130 35.61 -6.48 8.26
N LYS A 131 35.01 -7.27 7.34
CA LYS A 131 34.50 -6.80 6.06
C LYS A 131 33.36 -5.79 6.25
N MET A 132 32.36 -6.11 7.11
CA MET A 132 31.22 -5.21 7.39
C MET A 132 31.65 -3.90 8.05
N LYS A 133 32.72 -3.98 8.89
CA LYS A 133 33.33 -2.83 9.59
C LYS A 133 33.95 -1.94 8.53
N GLU A 134 34.75 -2.55 7.61
CA GLU A 134 35.40 -1.89 6.48
C GLU A 134 34.35 -1.25 5.56
N ILE A 135 33.29 -1.99 5.18
CA ILE A 135 32.17 -1.50 4.35
C ILE A 135 31.64 -0.18 4.94
N ALA A 136 31.33 -0.15 6.26
CA ALA A 136 30.84 1.02 7.00
C ALA A 136 31.83 2.21 6.99
N GLU A 137 33.14 1.93 7.17
CA GLU A 137 34.21 2.93 7.17
C GLU A 137 34.43 3.51 5.77
N ALA A 138 34.20 2.70 4.70
CA ALA A 138 34.34 3.11 3.30
C ALA A 138 33.24 4.07 2.86
N TYR A 139 32.05 3.97 3.50
CA TYR A 139 30.90 4.83 3.23
C TYR A 139 31.02 6.11 4.06
N LEU A 140 31.12 5.96 5.39
CA LEU A 140 31.16 7.07 6.34
C LEU A 140 32.40 7.94 6.26
N GLY A 141 33.51 7.37 5.78
CA GLY A 141 34.80 8.04 5.70
C GLY A 141 35.39 8.29 7.08
N LYS A 142 34.93 7.49 8.07
CA LYS A 142 35.29 7.55 9.50
C LYS A 142 35.58 6.14 10.04
N THR A 143 36.37 6.04 11.14
CA THR A 143 36.70 4.76 11.78
C THR A 143 35.50 4.21 12.57
N VAL A 144 35.19 2.92 12.39
CA VAL A 144 34.08 2.27 13.08
C VAL A 144 34.62 1.18 14.01
N THR A 145 34.25 1.26 15.31
CA THR A 145 34.62 0.27 16.32
C THR A 145 33.36 -0.27 17.03
N ASN A 146 32.45 0.61 17.47
CA ASN A 146 31.23 0.23 18.20
C ASN A 146 30.17 -0.39 17.29
N ALA A 147 29.65 -1.57 17.70
CA ALA A 147 28.65 -2.30 16.92
C ALA A 147 27.69 -3.14 17.75
N VAL A 148 26.46 -3.30 17.24
CA VAL A 148 25.44 -4.18 17.78
C VAL A 148 25.34 -5.35 16.77
N VAL A 149 25.61 -6.59 17.23
CA VAL A 149 25.57 -7.78 16.37
C VAL A 149 24.41 -8.68 16.75
N THR A 150 23.63 -9.07 15.75
CA THR A 150 22.45 -9.90 15.96
C THR A 150 22.80 -11.39 15.89
N VAL A 151 21.98 -12.20 16.59
CA VAL A 151 22.05 -13.66 16.67
C VAL A 151 20.60 -14.18 16.64
N PRO A 152 20.32 -15.41 16.15
CA PRO A 152 18.94 -15.92 16.24
C PRO A 152 18.53 -16.16 17.70
N ALA A 153 17.21 -16.14 17.97
CA ALA A 153 16.66 -16.31 19.33
C ALA A 153 16.94 -17.68 19.97
N TYR A 154 17.17 -18.73 19.14
CA TYR A 154 17.46 -20.11 19.56
C TYR A 154 18.97 -20.37 19.88
N PHE A 155 19.83 -19.37 19.62
CA PHE A 155 21.26 -19.47 19.90
C PHE A 155 21.48 -19.59 21.40
N ASN A 156 22.33 -20.54 21.81
CA ASN A 156 22.60 -20.77 23.23
C ASN A 156 23.70 -19.84 23.76
N ASP A 157 24.19 -20.10 24.99
CA ASP A 157 25.25 -19.33 25.65
C ASP A 157 26.56 -19.39 24.88
N SER A 158 26.90 -20.59 24.37
CA SER A 158 28.12 -20.87 23.60
C SER A 158 28.07 -20.21 22.21
N GLN A 159 26.91 -20.31 21.54
CA GLN A 159 26.62 -19.75 20.22
C GLN A 159 26.58 -18.21 20.24
N ARG A 160 26.30 -17.62 21.41
CA ARG A 160 26.29 -16.18 21.62
C ARG A 160 27.69 -15.68 21.94
N GLN A 161 28.44 -16.40 22.82
CA GLN A 161 29.81 -16.05 23.18
C GLN A 161 30.75 -16.18 21.99
N ALA A 162 30.50 -17.16 21.11
CA ALA A 162 31.29 -17.36 19.90
C ALA A 162 31.16 -16.16 18.96
N THR A 163 29.94 -15.69 18.80
CA THR A 163 29.62 -14.53 18.00
C THR A 163 30.24 -13.28 18.63
N LYS A 164 30.19 -13.20 19.95
CA LYS A 164 30.78 -12.07 20.67
C LYS A 164 32.28 -12.03 20.44
N ASP A 165 32.88 -13.21 20.45
CA ASP A 165 34.30 -13.40 20.21
C ASP A 165 34.69 -13.01 18.78
N ALA A 166 33.79 -13.29 17.84
CA ALA A 166 33.97 -12.98 16.43
C ALA A 166 34.04 -11.47 16.20
N GLY A 167 33.33 -10.71 17.03
CA GLY A 167 33.34 -9.25 16.99
C GLY A 167 34.61 -8.72 17.61
N THR A 168 35.06 -9.35 18.70
CA THR A 168 36.29 -9.02 19.43
C THR A 168 37.50 -9.21 18.51
N ILE A 169 37.57 -10.38 17.80
CA ILE A 169 38.65 -10.71 16.86
C ILE A 169 38.66 -9.71 15.67
N ALA A 170 37.45 -9.27 15.24
CA ALA A 170 37.26 -8.31 14.15
C ALA A 170 37.62 -6.85 14.52
N GLY A 171 37.94 -6.60 15.79
CA GLY A 171 38.33 -5.29 16.28
C GLY A 171 37.16 -4.38 16.61
N LEU A 172 35.99 -5.00 16.89
CA LEU A 172 34.77 -4.29 17.23
C LEU A 172 34.52 -4.29 18.73
N ASN A 173 33.94 -3.20 19.20
CA ASN A 173 33.50 -3.07 20.58
C ASN A 173 32.01 -3.42 20.49
N VAL A 174 31.66 -4.66 20.80
CA VAL A 174 30.29 -5.07 20.68
C VAL A 174 29.51 -4.53 21.86
N LEU A 175 28.66 -3.56 21.55
CA LEU A 175 27.81 -2.88 22.50
C LEU A 175 26.77 -3.81 23.11
N ARG A 176 26.19 -4.68 22.28
CA ARG A 176 25.22 -5.64 22.76
C ARG A 176 24.97 -6.77 21.76
N ILE A 177 24.54 -7.90 22.29
CA ILE A 177 24.22 -9.03 21.46
C ILE A 177 22.71 -9.06 21.62
N ILE A 178 21.99 -8.96 20.51
CA ILE A 178 20.54 -8.96 20.57
C ILE A 178 19.94 -9.94 19.57
N ASN A 179 18.74 -10.41 19.87
CA ASN A 179 18.04 -11.35 19.01
C ASN A 179 17.53 -10.76 17.71
N GLU A 180 17.66 -11.52 16.63
CA GLU A 180 17.19 -11.11 15.30
C GLU A 180 15.69 -10.74 15.33
N PRO A 181 14.75 -11.57 15.89
CA PRO A 181 13.33 -11.16 15.93
C PRO A 181 13.07 -9.90 16.76
N THR A 182 13.90 -9.64 17.80
CA THR A 182 13.83 -8.44 18.65
C THR A 182 14.25 -7.22 17.81
N ALA A 183 15.36 -7.34 17.03
CA ALA A 183 15.88 -6.29 16.14
C ALA A 183 14.81 -5.90 15.09
N ALA A 184 14.21 -6.90 14.41
CA ALA A 184 13.13 -6.71 13.43
C ALA A 184 11.93 -5.95 14.06
N ALA A 185 11.60 -6.24 15.34
CA ALA A 185 10.53 -5.62 16.11
C ALA A 185 10.87 -4.14 16.47
N ILE A 186 12.16 -3.86 16.80
CA ILE A 186 12.71 -2.52 17.08
C ILE A 186 12.62 -1.66 15.80
N ALA A 187 12.91 -2.27 14.61
CA ALA A 187 12.86 -1.59 13.31
C ALA A 187 11.49 -0.96 13.02
N TYR A 188 10.39 -1.62 13.47
CA TYR A 188 9.01 -1.16 13.28
C TYR A 188 8.44 -0.41 14.48
N GLY A 189 9.28 -0.13 15.48
CA GLY A 189 8.94 0.57 16.71
C GLY A 189 7.73 0.02 17.44
N LEU A 190 7.69 -1.33 17.54
CA LEU A 190 6.61 -2.08 18.18
C LEU A 190 6.69 -2.01 19.71
N ASP A 191 7.87 -1.61 20.24
CA ASP A 191 8.17 -1.44 21.66
C ASP A 191 7.86 -0.02 22.15
N LYS A 192 7.66 0.91 21.18
CA LYS A 192 7.33 2.33 21.35
C LYS A 192 5.84 2.58 21.03
N LYS A 193 5.04 1.52 21.09
CA LYS A 193 3.60 1.59 20.88
C LYS A 193 2.84 1.63 22.20
N VAL A 194 1.82 2.47 22.26
CA VAL A 194 0.99 2.63 23.43
C VAL A 194 0.12 1.40 23.63
N GLY A 195 -0.37 1.23 24.85
CA GLY A 195 -1.20 0.09 25.17
C GLY A 195 -0.53 -0.89 26.12
N ALA A 196 -1.15 -2.04 26.27
CA ALA A 196 -0.71 -3.13 27.15
C ALA A 196 0.33 -4.00 26.46
N GLU A 197 0.55 -5.20 26.97
CA GLU A 197 1.53 -6.08 26.35
C GLU A 197 1.17 -6.42 24.91
N ARG A 198 2.19 -6.45 24.05
CA ARG A 198 2.01 -6.75 22.63
C ARG A 198 2.62 -8.08 22.24
N ASN A 199 1.80 -8.96 21.67
CA ASN A 199 2.24 -10.27 21.21
C ASN A 199 2.58 -10.11 19.74
N VAL A 200 3.88 -10.27 19.42
CA VAL A 200 4.40 -10.07 18.07
C VAL A 200 4.95 -11.35 17.45
N LEU A 201 4.50 -11.66 16.24
CA LEU A 201 5.00 -12.79 15.49
C LEU A 201 5.97 -12.26 14.43
N ILE A 202 7.15 -12.90 14.32
CA ILE A 202 8.20 -12.58 13.36
C ILE A 202 8.27 -13.76 12.37
N PHE A 203 8.01 -13.49 11.08
CA PHE A 203 8.05 -14.48 10.00
C PHE A 203 9.33 -14.27 9.17
N ASP A 204 10.38 -15.05 9.47
CA ASP A 204 11.69 -14.96 8.84
C ASP A 204 11.97 -16.04 7.81
N LEU A 205 11.66 -15.75 6.53
CA LEU A 205 11.89 -16.68 5.42
C LEU A 205 12.89 -16.03 4.45
N GLY A 206 14.15 -16.39 4.65
CA GLY A 206 15.27 -15.86 3.86
C GLY A 206 16.60 -16.23 4.48
N GLY A 207 17.62 -16.33 3.64
CA GLY A 207 18.96 -16.70 4.07
C GLY A 207 19.09 -18.18 4.36
N GLY A 208 18.47 -18.99 3.49
CA GLY A 208 18.47 -20.45 3.53
C GLY A 208 17.85 -21.12 4.75
N THR A 209 17.24 -20.33 5.64
CA THR A 209 16.59 -20.82 6.87
C THR A 209 15.20 -20.22 7.08
N PHE A 210 14.39 -20.86 7.91
CA PHE A 210 13.05 -20.39 8.20
C PHE A 210 12.81 -20.39 9.71
N ASP A 211 12.59 -19.21 10.26
CA ASP A 211 12.33 -19.05 11.68
C ASP A 211 11.09 -18.21 11.99
N VAL A 212 10.16 -18.79 12.73
CA VAL A 212 8.98 -18.10 13.22
C VAL A 212 9.19 -17.87 14.72
N SER A 213 9.14 -16.61 15.16
CA SER A 213 9.32 -16.28 16.57
C SER A 213 8.11 -15.54 17.11
N ILE A 214 7.77 -15.82 18.38
CA ILE A 214 6.68 -15.11 19.06
C ILE A 214 7.30 -14.37 20.24
N LEU A 215 7.17 -13.06 20.23
CA LEU A 215 7.70 -12.21 21.28
C LEU A 215 6.55 -11.52 21.95
N THR A 216 6.71 -11.24 23.23
CA THR A 216 5.71 -10.52 23.95
C THR A 216 6.43 -9.28 24.45
N ILE A 217 5.96 -8.10 24.05
CA ILE A 217 6.61 -6.88 24.51
C ILE A 217 5.71 -6.23 25.55
N GLU A 218 6.23 -6.13 26.76
CA GLU A 218 5.51 -5.54 27.87
C GLU A 218 6.38 -4.46 28.48
N ASP A 219 5.94 -3.20 28.37
CA ASP A 219 6.60 -2.01 28.89
C ASP A 219 8.07 -1.90 28.45
N GLY A 220 8.32 -2.11 27.14
CA GLY A 220 9.64 -2.08 26.53
C GLY A 220 10.49 -3.32 26.69
N ILE A 221 10.08 -4.25 27.57
CA ILE A 221 10.78 -5.52 27.84
C ILE A 221 10.27 -6.54 26.83
N PHE A 222 11.20 -7.21 26.15
CA PHE A 222 10.89 -8.25 25.17
C PHE A 222 11.02 -9.60 25.87
N GLU A 223 10.14 -10.55 25.53
CA GLU A 223 10.15 -11.90 26.08
C GLU A 223 9.93 -12.86 24.94
N VAL A 224 10.83 -13.83 24.77
CA VAL A 224 10.71 -14.85 23.72
C VAL A 224 9.75 -15.91 24.27
N LYS A 225 8.58 -16.04 23.64
CA LYS A 225 7.54 -16.97 24.06
C LYS A 225 7.66 -18.33 23.37
N SER A 226 8.12 -18.33 22.10
CA SER A 226 8.30 -19.53 21.27
C SER A 226 9.11 -19.25 20.00
N THR A 227 9.83 -20.28 19.52
CA THR A 227 10.60 -20.28 18.26
C THR A 227 10.29 -21.58 17.51
N ALA A 228 9.90 -21.48 16.23
CA ALA A 228 9.57 -22.61 15.36
C ALA A 228 10.14 -22.36 13.96
N GLY A 229 10.06 -23.35 13.08
CA GLY A 229 10.56 -23.22 11.72
C GLY A 229 11.50 -24.29 11.22
N ASP A 230 11.63 -24.38 9.88
CA ASP A 230 12.50 -25.33 9.21
C ASP A 230 13.86 -24.66 8.99
N THR A 231 14.88 -25.31 9.57
CA THR A 231 16.27 -24.87 9.54
C THR A 231 16.85 -24.82 8.13
N HIS A 232 16.40 -25.74 7.27
CA HIS A 232 16.91 -25.79 5.91
C HIS A 232 15.82 -25.70 4.87
N LEU A 233 15.25 -24.50 4.80
CA LEU A 233 14.24 -24.14 3.82
C LEU A 233 14.51 -22.68 3.51
N GLY A 234 14.42 -22.35 2.23
CA GLY A 234 14.59 -21.01 1.71
C GLY A 234 14.27 -20.88 0.23
N GLY A 235 14.89 -19.87 -0.40
CA GLY A 235 14.71 -19.53 -1.80
C GLY A 235 15.19 -20.57 -2.79
N GLU A 236 16.29 -21.29 -2.44
CA GLU A 236 16.92 -22.34 -3.24
C GLU A 236 15.96 -23.50 -3.56
N ASP A 237 14.97 -23.75 -2.67
CA ASP A 237 13.94 -24.78 -2.85
C ASP A 237 12.91 -24.30 -3.87
N PHE A 238 12.61 -22.99 -3.87
CA PHE A 238 11.65 -22.39 -4.80
C PHE A 238 12.25 -22.26 -6.20
N ASP A 239 13.61 -22.20 -6.28
CA ASP A 239 14.36 -22.16 -7.53
C ASP A 239 14.35 -23.55 -8.16
N ASN A 240 14.61 -24.61 -7.36
CA ASN A 240 14.66 -26.00 -7.79
C ASN A 240 13.41 -26.41 -8.55
N ARG A 241 12.22 -26.07 -8.00
CA ARG A 241 10.89 -26.37 -8.57
C ARG A 241 10.66 -25.69 -9.93
N MET A 242 11.32 -24.55 -10.16
CA MET A 242 11.29 -23.82 -11.42
C MET A 242 12.29 -24.47 -12.38
N VAL A 243 13.44 -24.91 -11.87
CA VAL A 243 14.52 -25.58 -12.63
C VAL A 243 14.03 -26.94 -13.17
N ASN A 244 13.33 -27.68 -12.30
CA ASN A 244 12.74 -28.97 -12.61
C ASN A 244 11.68 -28.80 -13.70
N HIS A 245 10.91 -27.73 -13.58
CA HIS A 245 9.83 -27.42 -14.51
C HIS A 245 10.36 -27.17 -15.94
N PHE A 246 11.45 -26.41 -16.04
CA PHE A 246 12.11 -26.12 -17.31
C PHE A 246 12.87 -27.29 -17.96
N ILE A 247 13.44 -28.16 -17.13
CA ILE A 247 14.20 -29.32 -17.65
C ILE A 247 13.17 -30.27 -18.28
N ALA A 248 12.03 -30.45 -17.59
CA ALA A 248 10.89 -31.27 -18.04
C ALA A 248 10.25 -30.67 -19.27
N GLU A 249 10.23 -29.32 -19.38
CA GLU A 249 9.68 -28.57 -20.51
C GLU A 249 10.55 -28.73 -21.75
N PHE A 250 11.90 -28.61 -21.59
CA PHE A 250 12.87 -28.79 -22.68
C PHE A 250 12.81 -30.25 -23.21
N LYS A 251 12.56 -31.22 -22.30
CA LYS A 251 12.42 -32.65 -22.65
C LYS A 251 11.21 -32.86 -23.53
N ARG A 252 10.06 -32.24 -23.16
CA ARG A 252 8.82 -32.37 -23.93
C ARG A 252 8.95 -31.69 -25.28
N LYS A 253 9.50 -30.49 -25.28
CA LYS A 253 9.74 -29.71 -26.47
C LYS A 253 10.80 -30.19 -27.46
N HIS A 254 11.96 -30.62 -26.94
CA HIS A 254 13.08 -31.06 -27.80
C HIS A 254 13.63 -32.49 -27.65
N LYS A 255 13.05 -33.30 -26.78
CA LYS A 255 13.54 -34.68 -26.59
C LYS A 255 15.02 -34.74 -26.22
N LYS A 256 15.46 -33.81 -25.39
CA LYS A 256 16.85 -33.74 -24.91
C LYS A 256 16.90 -33.57 -23.40
N ASP A 257 17.87 -34.24 -22.73
CA ASP A 257 18.04 -34.12 -21.29
C ASP A 257 19.24 -33.22 -21.00
N ILE A 258 18.97 -32.01 -20.52
CA ILE A 258 19.99 -31.01 -20.21
C ILE A 258 20.60 -31.21 -18.79
N SER A 259 19.94 -32.03 -17.93
CA SER A 259 20.31 -32.27 -16.52
C SER A 259 21.77 -32.68 -16.27
N GLU A 260 22.46 -33.22 -17.29
CA GLU A 260 23.86 -33.62 -17.10
C GLU A 260 24.86 -32.58 -17.65
N ASN A 261 24.36 -31.55 -18.39
CA ASN A 261 25.22 -30.47 -18.85
C ASN A 261 25.19 -29.40 -17.76
N LYS A 262 26.21 -29.42 -16.89
CA LYS A 262 26.39 -28.53 -15.74
C LYS A 262 26.24 -27.05 -16.07
N ARG A 263 26.86 -26.59 -17.19
CA ARG A 263 26.83 -25.20 -17.65
C ARG A 263 25.44 -24.79 -18.11
N ALA A 264 24.71 -25.68 -18.82
CA ALA A 264 23.35 -25.44 -19.31
C ALA A 264 22.41 -25.30 -18.11
N VAL A 265 22.53 -26.21 -17.12
CA VAL A 265 21.75 -26.22 -15.88
C VAL A 265 21.98 -24.92 -15.10
N ARG A 266 23.25 -24.46 -15.00
CA ARG A 266 23.63 -23.21 -14.32
C ARG A 266 22.98 -22.01 -15.01
N ARG A 267 22.98 -22.01 -16.37
CA ARG A 267 22.37 -20.96 -17.20
C ARG A 267 20.86 -20.88 -16.97
N LEU A 268 20.21 -22.05 -16.82
CA LEU A 268 18.77 -22.13 -16.56
C LEU A 268 18.46 -21.65 -15.13
N ARG A 269 19.28 -22.11 -14.14
CA ARG A 269 19.17 -21.78 -12.71
C ARG A 269 19.27 -20.27 -12.44
N THR A 270 20.26 -19.60 -13.06
CA THR A 270 20.51 -18.16 -12.94
C THR A 270 19.33 -17.36 -13.51
N ALA A 271 18.79 -17.83 -14.65
CA ALA A 271 17.63 -17.24 -15.31
C ALA A 271 16.38 -17.45 -14.44
N CYS A 272 16.27 -18.62 -13.79
CA CYS A 272 15.19 -18.97 -12.87
C CYS A 272 15.20 -18.11 -11.60
N GLU A 273 16.39 -17.85 -11.01
CA GLU A 273 16.51 -17.03 -9.79
C GLU A 273 16.02 -15.59 -10.04
N ARG A 274 16.32 -15.06 -11.24
CA ARG A 274 15.94 -13.72 -11.70
C ARG A 274 14.44 -13.67 -12.00
N ALA A 275 13.91 -14.69 -12.73
CA ALA A 275 12.50 -14.84 -13.11
C ALA A 275 11.59 -14.88 -11.86
N LYS A 276 12.02 -15.61 -10.80
CA LYS A 276 11.37 -15.69 -9.48
C LYS A 276 11.18 -14.26 -8.91
N ARG A 277 12.26 -13.46 -8.81
CA ARG A 277 12.31 -12.08 -8.32
C ARG A 277 11.35 -11.18 -9.09
N THR A 278 11.31 -11.33 -10.45
CA THR A 278 10.45 -10.58 -11.35
C THR A 278 8.97 -10.84 -11.03
N LEU A 279 8.63 -12.09 -10.70
CA LEU A 279 7.27 -12.52 -10.38
C LEU A 279 6.70 -11.92 -9.08
N SER A 280 7.52 -11.18 -8.32
CA SER A 280 7.09 -10.47 -7.11
C SER A 280 6.49 -9.10 -7.48
N SER A 281 6.97 -8.50 -8.60
CA SER A 281 6.49 -7.22 -9.10
C SER A 281 5.60 -7.38 -10.35
N SER A 282 5.92 -8.37 -11.21
CA SER A 282 5.19 -8.71 -12.44
C SER A 282 4.40 -10.01 -12.28
N THR A 283 3.44 -10.24 -13.20
CA THR A 283 2.59 -11.42 -13.23
C THR A 283 3.18 -12.48 -14.18
N GLN A 284 4.07 -12.05 -15.09
CA GLN A 284 4.75 -12.89 -16.07
C GLN A 284 6.25 -12.62 -16.10
N ALA A 285 7.01 -13.66 -16.42
CA ALA A 285 8.46 -13.60 -16.53
C ALA A 285 8.87 -14.26 -17.86
N SER A 286 9.84 -13.67 -18.55
CA SER A 286 10.27 -14.21 -19.84
C SER A 286 11.73 -14.63 -19.86
N ILE A 287 12.00 -15.81 -20.41
CA ILE A 287 13.35 -16.32 -20.49
C ILE A 287 13.80 -16.65 -21.93
N GLU A 288 14.96 -16.13 -22.31
CA GLU A 288 15.55 -16.34 -23.62
C GLU A 288 17.02 -16.73 -23.41
N ILE A 289 17.33 -18.02 -23.61
CA ILE A 289 18.67 -18.58 -23.44
C ILE A 289 19.10 -19.24 -24.74
N ASP A 290 19.92 -18.52 -25.53
CA ASP A 290 20.44 -18.99 -26.81
C ASP A 290 21.41 -20.15 -26.63
N SER A 291 21.33 -21.16 -27.52
CA SER A 291 22.19 -22.37 -27.54
C SER A 291 22.40 -23.00 -26.12
N LEU A 292 21.29 -23.20 -25.40
CA LEU A 292 21.26 -23.77 -24.05
C LEU A 292 21.94 -25.14 -23.99
N TYR A 293 21.48 -26.08 -24.80
CA TYR A 293 22.03 -27.43 -24.86
C TYR A 293 21.95 -27.90 -26.31
N GLU A 294 23.10 -28.34 -26.87
CA GLU A 294 23.28 -28.84 -28.24
C GLU A 294 22.75 -27.85 -29.32
N GLY A 295 23.14 -26.59 -29.20
CA GLY A 295 22.77 -25.52 -30.11
C GLY A 295 21.32 -25.08 -30.09
N ILE A 296 20.49 -25.64 -29.18
CA ILE A 296 19.05 -25.33 -29.07
C ILE A 296 18.78 -24.09 -28.21
N ASP A 297 18.19 -23.05 -28.83
CA ASP A 297 17.78 -21.80 -28.18
C ASP A 297 16.53 -22.05 -27.37
N PHE A 298 16.57 -21.72 -26.08
CA PHE A 298 15.44 -21.90 -25.16
C PHE A 298 14.68 -20.59 -24.89
N TYR A 299 13.55 -20.44 -25.59
CA TYR A 299 12.66 -19.28 -25.51
C TYR A 299 11.40 -19.74 -24.80
N THR A 300 11.18 -19.22 -23.60
CA THR A 300 10.07 -19.63 -22.75
C THR A 300 9.54 -18.50 -21.85
N SER A 301 8.51 -18.83 -21.04
CA SER A 301 7.82 -17.94 -20.12
C SER A 301 7.34 -18.72 -18.90
N ILE A 302 7.05 -18.00 -17.80
CA ILE A 302 6.54 -18.55 -16.54
C ILE A 302 5.67 -17.48 -15.87
N THR A 303 4.40 -17.81 -15.66
CA THR A 303 3.44 -16.94 -15.01
C THR A 303 3.61 -17.06 -13.50
N ARG A 304 3.13 -16.05 -12.75
CA ARG A 304 3.16 -16.05 -11.27
C ARG A 304 2.30 -17.22 -10.78
N ALA A 305 1.12 -17.42 -11.40
CA ALA A 305 0.18 -18.50 -11.11
C ALA A 305 0.88 -19.86 -11.18
N ARG A 306 1.70 -20.10 -12.25
CA ARG A 306 2.43 -21.36 -12.42
C ARG A 306 3.46 -21.58 -11.33
N PHE A 307 4.31 -20.56 -11.05
CA PHE A 307 5.34 -20.54 -10.01
C PHE A 307 4.73 -20.96 -8.65
N GLU A 308 3.56 -20.38 -8.32
CA GLU A 308 2.77 -20.61 -7.11
C GLU A 308 2.32 -22.07 -6.99
N GLU A 309 1.93 -22.69 -8.12
CA GLU A 309 1.49 -24.09 -8.21
C GLU A 309 2.67 -25.05 -7.98
N LEU A 310 3.83 -24.76 -8.61
CA LEU A 310 5.08 -25.54 -8.51
C LEU A 310 5.61 -25.59 -7.08
N ASN A 311 5.34 -24.54 -6.29
CA ASN A 311 5.79 -24.38 -4.90
C ASN A 311 4.65 -24.39 -3.87
N ALA A 312 3.42 -24.76 -4.30
CA ALA A 312 2.19 -24.82 -3.49
C ALA A 312 2.32 -25.47 -2.11
N ASP A 313 2.95 -26.66 -2.04
CA ASP A 313 3.18 -27.42 -0.82
C ASP A 313 4.20 -26.73 0.09
N LEU A 314 5.24 -26.13 -0.52
CA LEU A 314 6.32 -25.42 0.17
C LEU A 314 5.83 -24.08 0.75
N PHE A 315 4.96 -23.37 0.02
CA PHE A 315 4.39 -22.09 0.44
C PHE A 315 3.38 -22.30 1.56
N ARG A 316 2.62 -23.40 1.47
CA ARG A 316 1.63 -23.77 2.49
C ARG A 316 2.35 -24.25 3.76
N GLY A 317 3.43 -25.01 3.58
CA GLY A 317 4.27 -25.54 4.66
C GLY A 317 4.92 -24.52 5.57
N THR A 318 4.79 -23.21 5.24
CA THR A 318 5.32 -22.10 6.04
C THR A 318 4.34 -21.76 7.18
N LEU A 319 3.10 -22.26 7.10
CA LEU A 319 2.07 -22.05 8.11
C LEU A 319 2.15 -23.04 9.24
N ASP A 320 2.76 -24.20 9.01
CA ASP A 320 2.97 -25.23 10.02
C ASP A 320 3.81 -24.68 11.20
N PRO A 321 5.01 -24.06 10.99
CA PRO A 321 5.73 -23.46 12.13
C PRO A 321 5.04 -22.23 12.76
N VAL A 322 4.13 -21.57 12.02
CA VAL A 322 3.35 -20.42 12.51
C VAL A 322 2.34 -20.95 13.53
N GLU A 323 1.70 -22.10 13.23
CA GLU A 323 0.75 -22.76 14.10
C GLU A 323 1.47 -23.36 15.30
N LYS A 324 2.63 -24.03 15.07
CA LYS A 324 3.44 -24.67 16.11
C LYS A 324 3.99 -23.64 17.10
N ALA A 325 4.43 -22.46 16.59
CA ALA A 325 4.95 -21.38 17.44
C ALA A 325 3.79 -20.81 18.26
N LEU A 326 2.59 -20.66 17.64
CA LEU A 326 1.37 -20.18 18.29
C LEU A 326 0.91 -21.08 19.46
N ARG A 327 1.01 -22.43 19.32
CA ARG A 327 0.58 -23.32 20.40
C ARG A 327 1.61 -23.39 21.54
N ASP A 328 2.93 -23.44 21.21
CA ASP A 328 4.01 -23.43 22.20
C ASP A 328 4.02 -22.14 23.04
N ALA A 329 3.53 -21.01 22.46
CA ALA A 329 3.44 -19.71 23.15
C ALA A 329 2.10 -19.56 23.89
N LYS A 330 1.22 -20.60 23.81
CA LYS A 330 -0.11 -20.67 24.42
C LYS A 330 -1.00 -19.47 24.04
N LEU A 331 -1.00 -19.13 22.75
CA LEU A 331 -1.80 -18.00 22.24
C LEU A 331 -2.59 -18.29 20.97
N ASP A 332 -3.74 -17.62 20.84
CA ASP A 332 -4.62 -17.72 19.68
C ASP A 332 -4.09 -16.79 18.59
N LYS A 333 -4.43 -17.06 17.35
CA LYS A 333 -3.98 -16.25 16.21
C LYS A 333 -4.55 -14.82 16.26
N SER A 334 -5.70 -14.69 16.89
CA SER A 334 -6.42 -13.42 17.08
C SER A 334 -5.74 -12.53 18.13
N GLN A 335 -4.95 -13.15 19.04
CA GLN A 335 -4.21 -12.50 20.13
C GLN A 335 -2.84 -11.95 19.67
N ILE A 336 -2.55 -12.07 18.36
CA ILE A 336 -1.29 -11.57 17.81
C ILE A 336 -1.46 -10.16 17.30
N HIS A 337 -0.83 -9.23 18.00
CA HIS A 337 -0.82 -7.80 17.73
C HIS A 337 -0.08 -7.32 16.47
N ASP A 338 1.04 -7.96 16.17
CA ASP A 338 1.83 -7.60 15.00
C ASP A 338 2.49 -8.77 14.28
N ILE A 339 2.59 -8.64 12.98
CA ILE A 339 3.28 -9.64 12.16
C ILE A 339 4.37 -8.88 11.42
N VAL A 340 5.63 -9.37 11.52
CA VAL A 340 6.79 -8.74 10.86
C VAL A 340 7.38 -9.70 9.83
N LEU A 341 7.58 -9.21 8.59
CA LEU A 341 8.16 -9.97 7.48
C LEU A 341 9.62 -9.67 7.37
N VAL A 342 10.45 -10.71 7.39
CA VAL A 342 11.91 -10.53 7.29
C VAL A 342 12.52 -11.65 6.41
N GLY A 343 13.53 -11.29 5.62
CA GLY A 343 14.20 -12.20 4.68
C GLY A 343 13.59 -12.09 3.31
N GLY A 344 14.45 -12.00 2.29
CA GLY A 344 14.09 -11.83 0.88
C GLY A 344 12.89 -12.59 0.34
N SER A 345 12.72 -13.87 0.71
CA SER A 345 11.60 -14.71 0.24
C SER A 345 10.20 -14.23 0.66
N THR A 346 10.10 -13.37 1.69
CA THR A 346 8.81 -12.88 2.16
C THR A 346 8.19 -11.90 1.14
N ARG A 347 8.99 -11.53 0.11
CA ARG A 347 8.60 -10.66 -0.99
C ARG A 347 7.60 -11.36 -1.90
N ILE A 348 7.55 -12.72 -1.87
CA ILE A 348 6.65 -13.51 -2.69
C ILE A 348 5.19 -13.20 -2.28
N PRO A 349 4.36 -12.68 -3.23
CA PRO A 349 2.96 -12.32 -2.90
C PRO A 349 2.11 -13.44 -2.31
N LYS A 350 2.37 -14.72 -2.70
CA LYS A 350 1.64 -15.89 -2.20
C LYS A 350 1.97 -16.15 -0.73
N ILE A 351 3.26 -15.99 -0.35
CA ILE A 351 3.75 -16.13 1.02
C ILE A 351 3.05 -15.08 1.92
N GLN A 352 2.94 -13.83 1.43
CA GLN A 352 2.28 -12.70 2.09
C GLN A 352 0.78 -12.92 2.18
N LYS A 353 0.16 -13.45 1.10
CA LYS A 353 -1.28 -13.70 1.03
C LYS A 353 -1.70 -14.79 2.00
N LEU A 354 -1.02 -15.96 1.98
CA LEU A 354 -1.31 -17.10 2.87
C LEU A 354 -1.22 -16.74 4.35
N LEU A 355 -0.21 -15.94 4.72
CA LEU A 355 0.03 -15.48 6.08
C LEU A 355 -1.01 -14.45 6.51
N GLN A 356 -1.43 -13.54 5.58
CA GLN A 356 -2.47 -12.52 5.82
C GLN A 356 -3.87 -13.16 5.88
N ASP A 357 -4.12 -14.20 5.04
CA ASP A 357 -5.38 -14.96 5.00
C ASP A 357 -5.55 -15.74 6.30
N PHE A 358 -4.43 -16.31 6.81
CA PHE A 358 -4.38 -17.07 8.06
C PHE A 358 -4.74 -16.15 9.22
N PHE A 359 -4.19 -14.92 9.24
CA PHE A 359 -4.42 -13.91 10.29
C PHE A 359 -5.69 -13.04 10.05
N ASN A 360 -6.67 -13.61 9.30
CA ASN A 360 -7.99 -13.04 8.98
C ASN A 360 -7.98 -11.59 8.48
N GLY A 361 -7.02 -11.31 7.59
CA GLY A 361 -6.87 -10.01 6.92
C GLY A 361 -6.03 -8.96 7.61
N LYS A 362 -5.21 -9.35 8.62
CA LYS A 362 -4.36 -8.38 9.32
C LYS A 362 -3.17 -7.94 8.46
N GLU A 363 -2.94 -6.62 8.41
CA GLU A 363 -1.84 -6.01 7.67
C GLU A 363 -0.49 -6.34 8.29
N LEU A 364 0.41 -6.85 7.46
CA LEU A 364 1.76 -7.24 7.82
C LEU A 364 2.74 -6.06 7.78
N ASN A 365 3.79 -6.10 8.62
CA ASN A 365 4.81 -5.07 8.65
C ASN A 365 5.84 -5.49 7.60
N LYS A 366 5.86 -4.77 6.46
CA LYS A 366 6.66 -5.11 5.28
C LYS A 366 7.30 -3.90 4.56
N SER A 367 7.10 -2.69 5.09
CA SER A 367 7.61 -1.47 4.49
C SER A 367 9.15 -1.41 4.40
N ILE A 368 9.82 -1.85 5.46
CA ILE A 368 11.27 -1.90 5.48
C ILE A 368 11.64 -3.10 4.64
N ASN A 369 12.80 -3.06 3.99
CA ASN A 369 13.24 -4.17 3.17
C ASN A 369 13.37 -5.41 4.05
N PRO A 370 12.89 -6.56 3.59
CA PRO A 370 12.98 -7.78 4.40
C PRO A 370 14.41 -8.18 4.68
N ASP A 371 15.27 -8.02 3.70
CA ASP A 371 16.69 -8.33 3.84
C ASP A 371 17.37 -7.42 4.86
N GLU A 372 16.98 -6.15 4.88
CA GLU A 372 17.57 -5.14 5.79
C GLU A 372 16.90 -4.88 7.15
N ALA A 373 15.70 -5.42 7.38
CA ALA A 373 14.94 -5.21 8.62
C ALA A 373 15.70 -5.49 9.95
N VAL A 374 16.46 -6.60 10.01
CA VAL A 374 17.27 -6.99 11.18
C VAL A 374 18.43 -6.00 11.40
N ALA A 375 19.13 -5.60 10.31
CA ALA A 375 20.23 -4.62 10.37
C ALA A 375 19.72 -3.24 10.77
N TYR A 376 18.48 -2.90 10.32
CA TYR A 376 17.77 -1.64 10.62
C TYR A 376 17.58 -1.51 12.15
N GLY A 377 17.01 -2.53 12.78
CA GLY A 377 16.77 -2.56 14.23
C GLY A 377 18.05 -2.58 15.05
N ALA A 378 19.10 -3.27 14.52
CA ALA A 378 20.43 -3.36 15.12
C ALA A 378 21.14 -1.98 15.09
N ALA A 379 20.94 -1.20 14.02
CA ALA A 379 21.47 0.15 13.86
C ALA A 379 20.79 1.12 14.82
N VAL A 380 19.45 0.95 15.04
CA VAL A 380 18.65 1.76 15.99
C VAL A 380 19.21 1.50 17.42
N GLN A 381 19.44 0.23 17.77
CA GLN A 381 19.98 -0.19 19.07
C GLN A 381 21.39 0.33 19.31
N ALA A 382 22.23 0.36 18.26
CA ALA A 382 23.61 0.88 18.28
C ALA A 382 23.63 2.39 18.55
N ALA A 383 22.64 3.11 18.01
CA ALA A 383 22.48 4.55 18.20
C ALA A 383 21.88 4.85 19.58
N ILE A 384 21.01 3.94 20.11
CA ILE A 384 20.37 4.04 21.43
C ILE A 384 21.43 3.85 22.53
N LEU A 385 22.30 2.83 22.36
CA LEU A 385 23.38 2.48 23.29
C LEU A 385 24.51 3.50 23.33
N SER A 386 24.56 4.40 22.34
CA SER A 386 25.55 5.47 22.24
C SER A 386 24.98 6.78 22.79
N LEU B 3 12.20 -4.06 -47.22
CA LEU B 3 12.39 -2.75 -46.61
C LEU B 3 13.06 -2.86 -45.24
N GLY B 4 13.36 -1.71 -44.65
CA GLY B 4 14.01 -1.65 -43.35
C GLY B 4 13.11 -0.98 -42.34
N SER B 5 12.90 -1.65 -41.21
CA SER B 5 12.06 -1.15 -40.15
C SER B 5 12.80 -0.92 -38.83
N ASN B 6 14.13 -0.75 -38.90
CA ASN B 6 14.96 -0.57 -37.71
C ASN B 6 14.54 0.59 -36.84
N SER B 7 14.37 0.30 -35.55
CA SER B 7 13.95 1.29 -34.59
C SER B 7 15.09 1.68 -33.66
N PRO B 8 14.93 2.83 -33.02
CA PRO B 8 15.98 3.30 -32.10
C PRO B 8 16.20 2.39 -30.90
N GLN B 9 15.13 1.72 -30.45
CA GLN B 9 15.13 0.84 -29.27
C GLN B 9 16.09 -0.33 -29.48
N GLU B 10 16.28 -0.72 -30.75
CA GLU B 10 17.17 -1.80 -31.15
C GLU B 10 18.64 -1.36 -31.00
N GLU B 11 18.92 -0.03 -31.07
CA GLU B 11 20.29 0.49 -30.89
C GLU B 11 20.75 0.35 -29.44
N VAL B 12 19.78 0.37 -28.50
CA VAL B 12 19.99 0.22 -27.05
C VAL B 12 20.48 -1.21 -26.82
N GLU B 13 19.79 -2.19 -27.42
CA GLU B 13 20.10 -3.61 -27.31
C GLU B 13 21.39 -3.97 -28.04
N LEU B 14 21.62 -3.37 -29.24
CA LEU B 14 22.81 -3.61 -30.04
C LEU B 14 24.07 -3.07 -29.38
N LYS B 15 23.94 -1.94 -28.64
CA LYS B 15 25.03 -1.29 -27.90
C LYS B 15 25.45 -2.18 -26.73
N LYS B 16 24.46 -2.79 -26.03
CA LYS B 16 24.67 -3.72 -24.90
C LYS B 16 25.52 -4.88 -25.39
N LEU B 17 25.14 -5.43 -26.55
CA LEU B 17 25.81 -6.52 -27.25
C LEU B 17 27.22 -6.14 -27.71
N LYS B 18 27.46 -4.87 -28.08
CA LYS B 18 28.78 -4.39 -28.49
C LYS B 18 29.73 -4.36 -27.29
N HIS B 19 29.20 -3.97 -26.11
CA HIS B 19 29.97 -3.96 -24.84
C HIS B 19 30.27 -5.40 -24.38
N LEU B 20 29.28 -6.31 -24.51
CA LEU B 20 29.41 -7.73 -24.19
C LEU B 20 30.44 -8.40 -25.11
N GLU B 21 30.41 -8.07 -26.42
CA GLU B 21 31.32 -8.57 -27.46
C GLU B 21 32.76 -8.12 -27.17
N LYS B 22 32.93 -6.86 -26.75
CA LYS B 22 34.19 -6.21 -26.36
C LYS B 22 34.82 -6.99 -25.20
N SER B 23 34.02 -7.28 -24.15
CA SER B 23 34.40 -8.03 -22.95
C SER B 23 34.85 -9.47 -23.27
N VAL B 24 34.19 -10.11 -24.26
CA VAL B 24 34.51 -11.47 -24.73
C VAL B 24 35.91 -11.46 -25.32
N GLU B 25 36.24 -10.45 -26.18
CA GLU B 25 37.55 -10.28 -26.83
C GLU B 25 38.66 -10.24 -25.78
N LYS B 26 38.40 -9.54 -24.64
CA LYS B 26 39.32 -9.41 -23.52
C LYS B 26 39.60 -10.77 -22.87
N ILE B 27 38.58 -11.64 -22.75
CA ILE B 27 38.72 -12.99 -22.18
C ILE B 27 39.41 -13.90 -23.21
N ALA B 28 39.01 -13.77 -24.51
CA ALA B 28 39.58 -14.50 -25.65
C ALA B 28 41.09 -14.28 -25.76
N ASP B 29 41.59 -13.08 -25.35
CA ASP B 29 43.02 -12.73 -25.35
C ASP B 29 43.79 -13.55 -24.30
N GLN B 30 43.17 -13.78 -23.12
CA GLN B 30 43.73 -14.58 -22.02
C GLN B 30 43.82 -16.06 -22.43
N LEU B 31 42.76 -16.56 -23.12
CA LEU B 31 42.65 -17.93 -23.63
C LEU B 31 43.72 -18.17 -24.68
N GLU B 32 43.99 -17.17 -25.54
CA GLU B 32 45.00 -17.23 -26.57
C GLU B 32 46.40 -17.31 -25.96
N GLU B 33 46.64 -16.58 -24.86
CA GLU B 33 47.93 -16.63 -24.17
C GLU B 33 48.13 -18.00 -23.51
N LEU B 34 47.05 -18.57 -22.89
CA LEU B 34 47.05 -19.92 -22.28
C LEU B 34 47.36 -21.00 -23.32
N ASN B 35 46.77 -20.86 -24.54
CA ASN B 35 46.97 -21.77 -25.67
C ASN B 35 48.42 -21.72 -26.14
N LYS B 36 49.03 -20.50 -26.17
CA LYS B 36 50.44 -20.26 -26.55
C LYS B 36 51.42 -20.91 -25.56
N GLU B 37 51.00 -21.00 -24.29
CA GLU B 37 51.77 -21.61 -23.22
C GLU B 37 51.57 -23.14 -23.20
N LEU B 38 50.34 -23.60 -23.52
CA LEU B 38 50.00 -25.03 -23.61
C LEU B 38 50.81 -25.66 -24.73
N THR B 39 50.82 -25.04 -25.94
CA THR B 39 51.59 -25.49 -27.11
C THR B 39 53.07 -25.40 -26.81
N GLY B 40 53.47 -24.31 -26.14
CA GLY B 40 54.84 -24.07 -25.74
C GLY B 40 55.41 -25.26 -25.00
N ILE B 41 54.74 -25.68 -23.90
CA ILE B 41 55.18 -26.80 -23.04
C ILE B 41 55.21 -28.14 -23.79
N GLN B 42 54.14 -28.46 -24.56
CA GLN B 42 53.98 -29.71 -25.33
C GLN B 42 55.06 -29.91 -26.39
N GLN B 43 55.48 -28.82 -27.06
CA GLN B 43 56.50 -28.83 -28.11
C GLN B 43 57.76 -28.09 -27.67
N GLY B 44 57.96 -28.00 -26.35
CA GLY B 44 59.09 -27.32 -25.73
C GLY B 44 60.26 -28.20 -25.33
N PHE B 45 61.30 -27.60 -24.77
CA PHE B 45 62.45 -28.38 -24.39
C PHE B 45 62.58 -28.72 -22.91
N LEU B 46 61.51 -28.48 -22.17
CA LEU B 46 61.45 -28.76 -20.74
C LEU B 46 61.53 -30.26 -20.45
N PRO B 47 62.08 -30.63 -19.30
CA PRO B 47 62.17 -32.05 -18.89
C PRO B 47 60.78 -32.63 -18.63
N LYS B 48 60.57 -33.92 -18.89
CA LYS B 48 59.24 -34.50 -18.73
C LYS B 48 58.54 -34.33 -17.38
N ASP B 49 59.23 -34.55 -16.27
CA ASP B 49 58.59 -34.35 -14.96
C ASP B 49 58.29 -32.87 -14.76
N LEU B 50 59.20 -32.03 -15.25
CA LEU B 50 59.04 -30.59 -15.14
C LEU B 50 57.81 -30.12 -15.90
N GLN B 51 57.55 -30.74 -17.04
CA GLN B 51 56.41 -30.43 -17.89
C GLN B 51 55.07 -30.60 -17.19
N ALA B 52 54.93 -31.66 -16.40
CA ALA B 52 53.66 -31.89 -15.72
C ALA B 52 53.33 -30.74 -14.80
N GLU B 53 54.34 -30.25 -14.10
CA GLU B 53 54.20 -29.11 -13.19
C GLU B 53 53.84 -27.85 -13.99
N ALA B 54 54.62 -27.60 -15.07
CA ALA B 54 54.48 -26.47 -15.99
C ALA B 54 53.06 -26.40 -16.58
N LEU B 55 52.49 -27.56 -16.99
CA LEU B 55 51.14 -27.67 -17.55
C LEU B 55 50.11 -27.36 -16.47
N CYS B 56 50.23 -28.03 -15.30
CA CYS B 56 49.30 -27.88 -14.17
C CYS B 56 49.27 -26.48 -13.57
N LYS B 57 50.35 -25.69 -13.72
CA LYS B 57 50.43 -24.32 -13.22
C LYS B 57 49.45 -23.38 -13.96
N LEU B 58 48.96 -23.82 -15.13
CA LEU B 58 48.01 -23.10 -15.98
C LEU B 58 46.54 -23.29 -15.57
N ASP B 59 46.27 -24.20 -14.60
CA ASP B 59 44.94 -24.56 -14.12
C ASP B 59 44.11 -23.41 -13.52
N ARG B 60 44.75 -22.55 -12.69
CA ARG B 60 44.05 -21.41 -12.07
C ARG B 60 43.47 -20.44 -13.11
N ARG B 61 44.28 -20.14 -14.15
CA ARG B 61 43.94 -19.24 -15.25
C ARG B 61 42.85 -19.79 -16.17
N VAL B 62 42.85 -21.11 -16.50
CA VAL B 62 41.79 -21.69 -17.35
C VAL B 62 40.43 -21.68 -16.66
N LYS B 63 40.41 -21.95 -15.33
CA LYS B 63 39.21 -21.94 -14.51
C LYS B 63 38.69 -20.50 -14.38
N ALA B 64 39.61 -19.53 -14.31
CA ALA B 64 39.30 -18.10 -14.26
C ALA B 64 38.65 -17.68 -15.59
N THR B 65 39.25 -18.11 -16.74
CA THR B 65 38.76 -17.87 -18.10
C THR B 65 37.38 -18.52 -18.31
N ILE B 66 37.19 -19.77 -17.83
CA ILE B 66 35.92 -20.49 -17.92
C ILE B 66 34.82 -19.71 -17.21
N GLU B 67 35.08 -19.28 -15.95
CA GLU B 67 34.14 -18.54 -15.10
C GLU B 67 33.66 -17.22 -15.71
N GLN B 68 34.61 -16.48 -16.30
CA GLN B 68 34.37 -15.18 -16.97
C GLN B 68 33.45 -15.35 -18.19
N PHE B 69 33.69 -16.39 -19.00
CA PHE B 69 32.87 -16.70 -20.17
C PHE B 69 31.45 -17.08 -19.74
N MET B 70 31.33 -17.79 -18.59
CA MET B 70 30.05 -18.21 -18.01
C MET B 70 29.25 -17.00 -17.53
N LYS B 71 29.93 -16.03 -16.87
CA LYS B 71 29.30 -14.80 -16.38
C LYS B 71 28.81 -13.92 -17.53
N ILE B 72 29.50 -13.99 -18.67
CA ILE B 72 29.11 -13.30 -19.89
C ILE B 72 27.81 -13.92 -20.46
N LEU B 73 27.75 -15.24 -20.49
CA LEU B 73 26.57 -15.99 -20.94
C LEU B 73 25.36 -15.63 -20.08
N GLU B 74 25.53 -15.61 -18.75
CA GLU B 74 24.49 -15.26 -17.77
C GLU B 74 23.91 -13.84 -17.99
N GLU B 75 24.76 -12.92 -18.48
CA GLU B 75 24.43 -11.53 -18.82
C GLU B 75 23.67 -11.49 -20.14
N ILE B 76 24.12 -12.28 -21.14
CA ILE B 76 23.47 -12.38 -22.46
C ILE B 76 22.09 -12.99 -22.26
N ASP B 77 21.96 -13.92 -21.29
CA ASP B 77 20.71 -14.60 -20.96
C ASP B 77 19.67 -13.70 -20.30
N THR B 78 20.03 -12.44 -19.91
CA THR B 78 19.08 -11.49 -19.32
C THR B 78 18.33 -10.70 -20.41
N LEU B 79 18.92 -10.63 -21.63
CA LEU B 79 18.39 -9.91 -22.78
C LEU B 79 17.15 -10.59 -23.37
N ILE B 80 16.10 -9.79 -23.61
CA ILE B 80 14.84 -10.19 -24.23
C ILE B 80 14.77 -9.38 -25.52
N LEU B 81 14.97 -10.06 -26.66
CA LEU B 81 14.99 -9.42 -27.98
C LEU B 81 13.80 -9.92 -28.81
N PRO B 82 12.81 -9.03 -29.09
CA PRO B 82 11.64 -9.44 -29.89
C PRO B 82 11.96 -9.88 -31.33
N GLU B 83 11.00 -10.60 -31.96
CA GLU B 83 11.06 -11.13 -33.33
C GLU B 83 11.49 -10.10 -34.39
N ASN B 84 11.04 -8.86 -34.23
CA ASN B 84 11.41 -7.73 -35.08
C ASN B 84 12.91 -7.33 -35.00
N PHE B 85 13.52 -7.47 -33.82
CA PHE B 85 14.93 -7.13 -33.63
C PHE B 85 15.82 -8.27 -34.11
N LYS B 86 15.76 -8.55 -35.41
CA LYS B 86 16.52 -9.61 -36.05
C LYS B 86 18.03 -9.45 -36.00
N ASP B 87 18.48 -8.22 -36.16
CA ASP B 87 19.92 -7.89 -36.13
C ASP B 87 20.55 -8.13 -34.76
N SER B 88 19.81 -7.81 -33.67
CA SER B 88 20.21 -8.04 -32.29
C SER B 88 20.19 -9.54 -31.98
N ARG B 89 19.18 -10.26 -32.51
CA ARG B 89 19.00 -11.70 -32.33
C ARG B 89 20.15 -12.50 -32.96
N LEU B 90 20.68 -11.99 -34.09
CA LEU B 90 21.79 -12.58 -34.84
C LEU B 90 23.13 -12.31 -34.13
N LYS B 91 23.31 -11.09 -33.58
CA LYS B 91 24.50 -10.70 -32.82
C LYS B 91 24.55 -11.51 -31.51
N ARG B 92 23.36 -11.74 -30.88
CA ARG B 92 23.24 -12.53 -29.65
C ARG B 92 23.61 -13.99 -29.93
N LYS B 93 23.09 -14.58 -31.02
CA LYS B 93 23.39 -15.97 -31.40
C LYS B 93 24.89 -16.15 -31.70
N GLY B 94 25.46 -15.22 -32.47
CA GLY B 94 26.87 -15.22 -32.87
C GLY B 94 27.84 -15.14 -31.71
N LEU B 95 27.52 -14.29 -30.71
CA LEU B 95 28.31 -14.08 -29.51
C LEU B 95 28.24 -15.31 -28.58
N VAL B 96 27.03 -15.88 -28.38
CA VAL B 96 26.82 -17.09 -27.56
C VAL B 96 27.64 -18.26 -28.17
N LYS B 97 27.59 -18.42 -29.52
CA LYS B 97 28.31 -19.47 -30.26
C LYS B 97 29.81 -19.29 -30.16
N LYS B 98 30.29 -18.02 -30.15
CA LYS B 98 31.72 -17.67 -30.03
C LYS B 98 32.25 -18.06 -28.66
N VAL B 99 31.55 -17.63 -27.59
CA VAL B 99 31.84 -17.93 -26.18
C VAL B 99 31.85 -19.44 -25.93
N GLN B 100 30.89 -20.19 -26.53
CA GLN B 100 30.79 -21.66 -26.40
C GLN B 100 31.87 -22.42 -27.16
N ALA B 101 32.35 -21.84 -28.27
CA ALA B 101 33.43 -22.40 -29.04
C ALA B 101 34.73 -22.22 -28.22
N PHE B 102 34.82 -21.05 -27.59
CA PHE B 102 35.92 -20.66 -26.73
C PHE B 102 35.98 -21.55 -25.50
N LEU B 103 34.80 -21.85 -24.94
CA LEU B 103 34.64 -22.70 -23.77
C LEU B 103 35.11 -24.12 -24.04
N ALA B 104 34.83 -24.60 -25.26
CA ALA B 104 35.24 -25.94 -25.72
C ALA B 104 36.76 -25.99 -25.83
N GLU B 105 37.40 -24.85 -26.16
CA GLU B 105 38.85 -24.69 -26.22
C GLU B 105 39.41 -24.66 -24.80
N CYS B 106 38.64 -24.07 -23.86
CA CYS B 106 38.98 -23.99 -22.43
C CYS B 106 39.01 -25.39 -21.82
N ASP B 107 38.05 -26.24 -22.23
CA ASP B 107 37.89 -27.62 -21.78
C ASP B 107 39.00 -28.51 -22.31
N THR B 108 39.48 -28.22 -23.54
CA THR B 108 40.58 -28.90 -24.23
C THR B 108 41.87 -28.71 -23.42
N VAL B 109 42.11 -27.46 -22.92
CA VAL B 109 43.25 -27.08 -22.09
C VAL B 109 43.22 -27.86 -20.79
N GLU B 110 42.02 -27.93 -20.15
CA GLU B 110 41.77 -28.66 -18.91
C GLU B 110 42.10 -30.15 -19.04
N GLN B 111 41.76 -30.76 -20.22
CA GLN B 111 42.01 -32.15 -20.59
C GLN B 111 43.51 -32.44 -20.69
N ASN B 112 44.31 -31.45 -21.11
CA ASN B 112 45.75 -31.55 -21.33
C ASN B 112 46.62 -31.15 -20.13
N ILE B 113 46.02 -30.73 -19.00
CA ILE B 113 46.74 -30.33 -17.80
C ILE B 113 46.25 -31.09 -16.54
N CYS B 114 47.13 -31.19 -15.49
CA CYS B 114 46.91 -31.80 -14.18
C CYS B 114 46.41 -33.25 -14.26
N GLN B 115 46.93 -34.03 -15.24
CA GLN B 115 46.57 -35.42 -15.48
C GLN B 115 47.50 -36.38 -14.74
N GLY C 9 -9.24 37.28 15.81
CA GLY C 9 -10.64 37.41 15.45
C GLY C 9 -11.65 36.99 16.51
N PRO C 10 -12.94 36.85 16.12
CA PRO C 10 -13.97 36.46 17.09
C PRO C 10 -14.10 34.93 17.26
N ALA C 11 -15.04 34.51 18.13
CA ALA C 11 -15.34 33.10 18.38
C ALA C 11 -16.39 32.62 17.37
N VAL C 12 -16.23 31.39 16.84
CA VAL C 12 -17.16 30.83 15.83
C VAL C 12 -17.93 29.61 16.35
N GLY C 13 -19.03 29.28 15.67
CA GLY C 13 -19.87 28.13 15.97
C GLY C 13 -19.75 27.09 14.88
N ILE C 14 -19.39 25.84 15.25
CA ILE C 14 -19.18 24.77 14.27
C ILE C 14 -20.12 23.59 14.51
N ASP C 15 -20.84 23.20 13.47
CA ASP C 15 -21.68 22.03 13.51
C ASP C 15 -20.79 20.99 12.81
N LEU C 16 -20.29 20.02 13.56
CA LEU C 16 -19.44 18.95 13.04
C LEU C 16 -20.38 17.79 12.70
N GLY C 17 -20.99 17.87 11.52
CA GLY C 17 -21.96 16.89 11.04
C GLY C 17 -21.33 15.65 10.46
N THR C 18 -22.12 14.56 10.33
CA THR C 18 -21.67 13.27 9.80
C THR C 18 -21.24 13.36 8.33
N THR C 19 -22.09 13.94 7.48
CA THR C 19 -21.84 14.06 6.04
C THR C 19 -21.29 15.46 5.69
N TYR C 20 -21.91 16.53 6.23
CA TYR C 20 -21.54 17.92 5.98
C TYR C 20 -21.36 18.66 7.29
N SER C 21 -20.33 19.53 7.37
CA SER C 21 -20.04 20.39 8.50
C SER C 21 -20.45 21.82 8.13
N CYS C 22 -20.70 22.68 9.14
CA CYS C 22 -21.16 24.05 8.91
C CYS C 22 -20.56 25.02 9.96
N VAL C 23 -20.15 26.23 9.54
CA VAL C 23 -19.54 27.21 10.46
C VAL C 23 -20.24 28.58 10.38
N GLY C 24 -20.49 29.15 11.55
CA GLY C 24 -21.14 30.45 11.69
C GLY C 24 -20.41 31.40 12.62
N VAL C 25 -20.58 32.71 12.38
CA VAL C 25 -20.01 33.79 13.18
C VAL C 25 -21.12 34.81 13.49
N PHE C 26 -21.26 35.22 14.77
CA PHE C 26 -22.25 36.22 15.14
C PHE C 26 -21.61 37.60 14.94
N GLN C 27 -22.22 38.41 14.08
CA GLN C 27 -21.71 39.75 13.75
C GLN C 27 -22.82 40.69 13.34
N HIS C 28 -22.76 41.94 13.85
CA HIS C 28 -23.71 43.04 13.59
C HIS C 28 -25.15 42.65 13.96
N GLY C 29 -25.28 42.05 15.15
CA GLY C 29 -26.54 41.59 15.73
C GLY C 29 -27.26 40.50 14.95
N LYS C 30 -26.51 39.65 14.21
CA LYS C 30 -27.04 38.55 13.40
C LYS C 30 -25.97 37.49 13.12
N VAL C 31 -26.38 36.20 13.06
CA VAL C 31 -25.48 35.09 12.73
C VAL C 31 -25.29 35.01 11.22
N GLU C 32 -24.02 35.01 10.79
CA GLU C 32 -23.62 34.89 9.40
C GLU C 32 -23.01 33.51 9.17
N ILE C 33 -23.59 32.74 8.24
CA ILE C 33 -23.10 31.41 7.91
C ILE C 33 -22.03 31.54 6.82
N ILE C 34 -20.80 31.26 7.21
CA ILE C 34 -19.58 31.33 6.43
C ILE C 34 -19.54 30.28 5.29
N ALA C 35 -19.35 30.78 4.03
CA ALA C 35 -19.21 30.01 2.80
C ALA C 35 -17.75 29.56 2.67
N ASN C 36 -17.51 28.40 2.03
CA ASN C 36 -16.16 27.87 1.83
C ASN C 36 -15.51 28.36 0.52
N ASP C 37 -14.27 27.89 0.23
CA ASP C 37 -13.50 28.24 -0.97
C ASP C 37 -14.26 27.96 -2.29
N GLN C 38 -15.13 26.92 -2.31
CA GLN C 38 -15.95 26.55 -3.49
C GLN C 38 -17.33 27.29 -3.48
N GLY C 39 -17.49 28.19 -2.50
CA GLY C 39 -18.69 29.01 -2.32
C GLY C 39 -19.84 28.34 -1.61
N ASN C 40 -19.61 27.20 -0.95
CA ASN C 40 -20.67 26.45 -0.28
C ASN C 40 -20.79 26.76 1.21
N ARG C 41 -22.05 26.92 1.69
CA ARG C 41 -22.37 27.21 3.10
C ARG C 41 -22.23 25.98 4.02
N THR C 42 -22.09 24.78 3.44
CA THR C 42 -21.80 23.52 4.14
C THR C 42 -20.59 22.87 3.46
N THR C 43 -19.70 22.28 4.25
CA THR C 43 -18.48 21.63 3.74
C THR C 43 -18.56 20.12 4.01
N PRO C 44 -18.45 19.22 2.99
CA PRO C 44 -18.50 17.77 3.28
C PRO C 44 -17.40 17.31 4.26
N SER C 45 -17.80 16.53 5.28
CA SER C 45 -16.90 15.99 6.31
C SER C 45 -16.15 14.79 5.72
N TYR C 46 -15.33 15.07 4.69
CA TYR C 46 -14.56 14.10 3.90
C TYR C 46 -13.08 14.42 3.93
N VAL C 47 -12.25 13.36 4.03
CA VAL C 47 -10.79 13.45 3.99
C VAL C 47 -10.27 12.38 3.03
N ALA C 48 -9.61 12.81 1.95
CA ALA C 48 -9.03 11.92 0.96
C ALA C 48 -7.51 11.92 1.06
N PHE C 49 -6.93 10.74 0.87
CA PHE C 49 -5.48 10.55 0.92
C PHE C 49 -5.06 10.04 -0.43
N THR C 50 -4.06 10.66 -1.01
CA THR C 50 -3.57 10.27 -2.34
C THR C 50 -2.08 10.07 -2.38
N ASP C 51 -1.62 9.72 -3.56
CA ASP C 51 -0.21 9.51 -3.84
C ASP C 51 0.57 10.79 -3.58
N THR C 52 -0.03 11.93 -3.88
CA THR C 52 0.65 13.21 -3.64
C THR C 52 0.06 14.16 -2.59
N GLU C 53 -1.22 14.02 -2.25
CA GLU C 53 -1.81 14.95 -1.29
C GLU C 53 -2.98 14.49 -0.43
N ARG C 54 -3.18 15.22 0.66
CA ARG C 54 -4.27 15.01 1.60
C ARG C 54 -5.29 16.12 1.30
N LEU C 55 -6.52 15.72 0.93
CA LEU C 55 -7.62 16.62 0.59
C LEU C 55 -8.69 16.58 1.70
N ILE C 56 -9.29 17.75 2.00
CA ILE C 56 -10.32 17.90 3.03
C ILE C 56 -11.49 18.72 2.46
N GLY C 57 -12.72 18.24 2.71
CA GLY C 57 -13.93 18.93 2.30
C GLY C 57 -14.44 18.57 0.92
N ASP C 58 -14.71 19.61 0.11
CA ASP C 58 -15.21 19.47 -1.26
C ASP C 58 -14.19 18.84 -2.17
N ALA C 59 -12.90 19.18 -1.99
CA ALA C 59 -11.81 18.62 -2.80
C ALA C 59 -11.72 17.10 -2.63
N ALA C 60 -11.94 16.63 -1.39
CA ALA C 60 -11.93 15.22 -0.99
C ALA C 60 -13.13 14.45 -1.58
N LYS C 61 -14.33 15.09 -1.57
CA LYS C 61 -15.55 14.50 -2.08
C LYS C 61 -15.57 14.45 -3.62
N ASN C 62 -15.00 15.47 -4.30
CA ASN C 62 -14.95 15.54 -5.76
C ASN C 62 -14.19 14.39 -6.43
N GLN C 63 -13.28 13.79 -5.68
CA GLN C 63 -12.49 12.64 -6.15
C GLN C 63 -12.86 11.29 -5.47
N VAL C 64 -14.01 11.23 -4.81
CA VAL C 64 -14.48 10.02 -4.09
C VAL C 64 -14.73 8.82 -5.04
N ALA C 65 -15.13 9.07 -6.31
CA ALA C 65 -15.34 8.00 -7.28
C ALA C 65 -14.03 7.55 -7.93
N MET C 66 -13.02 8.42 -7.87
CA MET C 66 -11.68 8.13 -8.34
C MET C 66 -10.85 7.33 -7.32
N ASN C 67 -10.95 7.68 -6.05
CA ASN C 67 -10.19 7.03 -4.98
C ASN C 67 -11.05 6.65 -3.78
N PRO C 68 -11.98 5.73 -3.98
CA PRO C 68 -12.88 5.34 -2.89
C PRO C 68 -12.25 4.71 -1.65
N THR C 69 -11.29 3.81 -1.83
CA THR C 69 -10.65 3.11 -0.71
C THR C 69 -9.86 4.00 0.23
N ASN C 70 -9.43 5.19 -0.25
CA ASN C 70 -8.61 6.13 0.50
C ASN C 70 -9.30 7.46 0.85
N THR C 71 -10.62 7.55 0.62
CA THR C 71 -11.46 8.72 0.96
C THR C 71 -12.39 8.38 2.14
N VAL C 72 -12.04 8.95 3.29
CA VAL C 72 -12.73 8.79 4.55
C VAL C 72 -13.88 9.78 4.81
N PHE C 73 -14.95 9.26 5.40
CA PHE C 73 -16.14 10.00 5.79
C PHE C 73 -16.87 9.22 6.88
N ASP C 74 -17.87 9.83 7.50
CA ASP C 74 -18.64 9.20 8.57
C ASP C 74 -17.82 8.92 9.83
N ALA C 75 -16.79 9.71 10.05
CA ALA C 75 -15.88 9.56 11.21
C ALA C 75 -16.60 9.83 12.53
N LYS C 76 -17.72 10.59 12.48
CA LYS C 76 -18.60 10.93 13.60
C LYS C 76 -19.29 9.66 14.12
N ARG C 77 -19.52 8.67 13.22
CA ARG C 77 -20.11 7.37 13.54
C ARG C 77 -19.07 6.46 14.23
N LEU C 78 -17.79 6.85 14.23
CA LEU C 78 -16.69 6.11 14.83
C LEU C 78 -16.03 6.82 16.02
N ILE C 79 -16.11 8.16 16.07
CA ILE C 79 -15.45 8.99 17.08
C ILE C 79 -15.93 8.63 18.53
N GLY C 80 -14.96 8.34 19.40
CA GLY C 80 -15.14 7.99 20.80
C GLY C 80 -15.79 6.65 21.06
N ARG C 81 -15.77 5.77 20.04
CA ARG C 81 -16.37 4.43 20.10
C ARG C 81 -15.29 3.36 20.17
N ARG C 82 -15.67 2.16 20.65
CA ARG C 82 -14.80 0.99 20.72
C ARG C 82 -14.94 0.24 19.40
N PHE C 83 -13.89 -0.50 18.98
CA PHE C 83 -13.89 -1.25 17.72
C PHE C 83 -15.02 -2.27 17.63
N ASP C 84 -15.32 -2.94 18.76
CA ASP C 84 -16.33 -3.99 18.83
C ASP C 84 -17.75 -3.44 19.04
N ASP C 85 -17.92 -2.11 19.00
CA ASP C 85 -19.21 -1.43 19.12
C ASP C 85 -20.15 -1.97 18.01
N ALA C 86 -21.43 -2.21 18.35
CA ALA C 86 -22.45 -2.70 17.43
C ALA C 86 -22.59 -1.75 16.21
N VAL C 87 -22.51 -0.43 16.49
CA VAL C 87 -22.58 0.67 15.52
C VAL C 87 -21.40 0.60 14.56
N VAL C 88 -20.18 0.42 15.10
CA VAL C 88 -18.93 0.33 14.33
C VAL C 88 -18.98 -0.83 13.32
N GLN C 89 -19.23 -2.07 13.77
CA GLN C 89 -19.26 -3.28 12.95
C GLN C 89 -20.33 -3.28 11.84
N SER C 90 -21.53 -2.74 12.13
CA SER C 90 -22.64 -2.67 11.17
C SER C 90 -22.46 -1.61 10.05
N ASP C 91 -21.71 -0.53 10.34
CA ASP C 91 -21.45 0.54 9.37
C ASP C 91 -20.24 0.23 8.49
N MET C 92 -19.30 -0.63 9.00
CA MET C 92 -18.10 -1.09 8.30
C MET C 92 -18.42 -1.76 6.95
N LYS C 93 -19.60 -2.43 6.89
CA LYS C 93 -20.16 -3.13 5.73
C LYS C 93 -20.32 -2.25 4.48
N HIS C 94 -20.64 -0.94 4.69
CA HIS C 94 -20.94 0.05 3.66
C HIS C 94 -19.77 0.97 3.28
N TRP C 95 -18.67 0.94 4.06
CA TRP C 95 -17.53 1.81 3.80
C TRP C 95 -16.51 1.21 2.84
N PRO C 96 -16.05 1.97 1.81
CA PRO C 96 -15.04 1.42 0.89
C PRO C 96 -13.64 1.42 1.51
N PHE C 97 -13.41 2.32 2.50
CA PHE C 97 -12.17 2.45 3.24
C PHE C 97 -12.10 1.39 4.34
N MET C 98 -10.89 1.17 4.90
CA MET C 98 -10.71 0.17 5.94
C MET C 98 -10.81 0.76 7.33
N VAL C 99 -11.50 0.02 8.22
CA VAL C 99 -11.60 0.28 9.67
C VAL C 99 -10.88 -0.92 10.30
N VAL C 100 -9.79 -0.65 11.05
CA VAL C 100 -8.95 -1.67 11.69
C VAL C 100 -8.93 -1.55 13.21
N ASN C 101 -8.66 -2.68 13.90
CA ASN C 101 -8.59 -2.75 15.35
C ASN C 101 -7.17 -2.37 15.80
N ASP C 102 -7.08 -1.54 16.85
CA ASP C 102 -5.81 -1.11 17.42
C ASP C 102 -5.97 -1.07 18.93
N ALA C 103 -5.86 -2.27 19.55
CA ALA C 103 -6.02 -2.54 21.00
C ALA C 103 -7.40 -2.06 21.52
N GLY C 104 -8.46 -2.51 20.84
CA GLY C 104 -9.84 -2.20 21.17
C GLY C 104 -10.40 -0.95 20.53
N ARG C 105 -9.50 -0.07 20.01
CA ARG C 105 -9.85 1.21 19.38
C ARG C 105 -9.88 1.12 17.85
N PRO C 106 -10.87 1.74 17.17
CA PRO C 106 -10.88 1.71 15.70
C PRO C 106 -9.95 2.74 15.09
N LYS C 107 -9.32 2.38 14.00
CA LYS C 107 -8.45 3.27 13.26
C LYS C 107 -8.90 3.14 11.83
N VAL C 108 -8.71 4.18 11.04
CA VAL C 108 -9.09 4.13 9.64
C VAL C 108 -7.79 3.83 8.91
N GLN C 109 -7.82 2.85 8.02
CA GLN C 109 -6.62 2.48 7.29
C GLN C 109 -6.71 2.86 5.81
N VAL C 110 -5.69 3.57 5.36
CA VAL C 110 -5.62 4.08 3.99
C VAL C 110 -4.19 4.03 3.45
N GLU C 111 -4.05 4.16 2.11
CA GLU C 111 -2.78 4.28 1.41
C GLU C 111 -2.59 5.78 1.19
N TYR C 112 -1.49 6.35 1.73
CA TYR C 112 -1.20 7.77 1.65
C TYR C 112 0.26 8.02 1.31
N LYS C 113 0.49 8.61 0.11
CA LYS C 113 1.81 8.94 -0.46
C LYS C 113 2.68 7.68 -0.70
N GLY C 114 2.01 6.58 -1.09
CA GLY C 114 2.64 5.30 -1.38
C GLY C 114 2.77 4.32 -0.22
N GLU C 115 2.49 4.78 1.01
CA GLU C 115 2.59 3.96 2.23
C GLU C 115 1.27 3.78 2.99
N THR C 116 1.11 2.61 3.66
CA THR C 116 -0.07 2.27 4.47
C THR C 116 -0.02 3.06 5.77
N LYS C 117 -1.01 3.98 5.96
CA LYS C 117 -1.10 4.82 7.15
C LYS C 117 -2.46 4.70 7.82
N SER C 118 -2.45 4.69 9.18
CA SER C 118 -3.65 4.59 10.01
C SER C 118 -3.86 5.87 10.81
N PHE C 119 -5.15 6.25 11.03
CA PHE C 119 -5.56 7.44 11.77
C PHE C 119 -6.75 7.18 12.66
N TYR C 120 -6.73 7.71 13.89
CA TYR C 120 -7.83 7.61 14.84
C TYR C 120 -9.02 8.45 14.35
N PRO C 121 -10.29 8.14 14.71
CA PRO C 121 -11.42 8.94 14.19
C PRO C 121 -11.34 10.45 14.49
N GLU C 122 -10.77 10.83 15.66
CA GLU C 122 -10.61 12.24 16.06
C GLU C 122 -9.49 12.95 15.30
N GLU C 123 -8.52 12.17 14.75
CA GLU C 123 -7.42 12.71 13.93
C GLU C 123 -8.00 13.13 12.58
N VAL C 124 -9.02 12.38 12.10
CA VAL C 124 -9.72 12.65 10.85
C VAL C 124 -10.67 13.84 11.05
N SER C 125 -11.43 13.85 12.18
CA SER C 125 -12.35 14.94 12.54
C SER C 125 -11.61 16.25 12.81
N SER C 126 -10.33 16.17 13.26
CA SER C 126 -9.48 17.33 13.51
C SER C 126 -9.06 17.96 12.17
N MET C 127 -8.89 17.16 11.10
CA MET C 127 -8.57 17.62 9.75
C MET C 127 -9.79 18.34 9.20
N VAL C 128 -11.01 17.82 9.53
CA VAL C 128 -12.30 18.41 9.15
C VAL C 128 -12.52 19.72 9.94
N LEU C 129 -12.10 19.77 11.22
CA LEU C 129 -12.24 20.98 12.03
C LEU C 129 -11.25 22.07 11.65
N THR C 130 -10.01 21.67 11.24
CA THR C 130 -8.94 22.57 10.77
C THR C 130 -9.45 23.32 9.54
N LYS C 131 -10.22 22.59 8.68
CA LYS C 131 -10.84 23.12 7.47
C LYS C 131 -11.87 24.19 7.82
N MET C 132 -12.79 23.91 8.79
CA MET C 132 -13.83 24.87 9.23
C MET C 132 -13.22 26.14 9.89
N LYS C 133 -12.08 25.98 10.57
CA LYS C 133 -11.31 27.06 11.21
C LYS C 133 -10.78 27.96 10.09
N GLU C 134 -10.14 27.33 9.08
CA GLU C 134 -9.60 27.97 7.88
C GLU C 134 -10.68 28.70 7.10
N ILE C 135 -11.82 28.03 6.84
CA ILE C 135 -13.00 28.60 6.17
C ILE C 135 -13.37 29.95 6.84
N ALA C 136 -13.52 29.95 8.19
CA ALA C 136 -13.86 31.13 8.99
C ALA C 136 -12.80 32.26 8.92
N GLU C 137 -11.51 31.89 8.93
CA GLU C 137 -10.37 32.83 8.82
C GLU C 137 -10.29 33.44 7.41
N ALA C 138 -10.69 32.68 6.37
CA ALA C 138 -10.68 33.10 4.97
C ALA C 138 -11.78 34.14 4.68
N TYR C 139 -12.87 34.10 5.46
CA TYR C 139 -13.98 35.04 5.34
C TYR C 139 -13.70 36.29 6.18
N LEU C 140 -13.45 36.10 7.48
CA LEU C 140 -13.23 37.18 8.44
C LEU C 140 -11.96 37.97 8.25
N GLY C 141 -10.94 37.35 7.62
CA GLY C 141 -9.63 37.94 7.38
C GLY C 141 -8.85 38.11 8.69
N LYS C 142 -9.24 37.32 9.72
CA LYS C 142 -8.69 37.32 11.07
C LYS C 142 -8.45 35.88 11.56
N THR C 143 -7.52 35.70 12.53
CA THR C 143 -7.20 34.39 13.11
C THR C 143 -8.32 33.90 14.03
N VAL C 144 -8.74 32.64 13.86
CA VAL C 144 -9.81 32.05 14.66
C VAL C 144 -9.24 30.91 15.51
N THR C 145 -9.43 30.98 16.83
CA THR C 145 -9.02 29.95 17.78
C THR C 145 -10.21 29.48 18.62
N ASN C 146 -11.00 30.43 19.17
CA ASN C 146 -12.17 30.12 20.02
C ASN C 146 -13.36 29.59 19.22
N ALA C 147 -13.91 28.44 19.65
CA ALA C 147 -15.03 27.79 18.97
C ALA C 147 -15.96 26.99 19.88
N VAL C 148 -17.24 26.93 19.50
CA VAL C 148 -18.27 26.12 20.15
C VAL C 148 -18.55 24.98 19.14
N VAL C 149 -18.28 23.72 19.56
CA VAL C 149 -18.48 22.54 18.73
C VAL C 149 -19.71 21.74 19.22
N THR C 150 -20.62 21.42 18.28
CA THR C 150 -21.82 20.66 18.63
C THR C 150 -21.59 19.14 18.51
N VAL C 151 -22.36 18.40 19.31
CA VAL C 151 -22.39 16.93 19.39
C VAL C 151 -23.87 16.52 19.55
N PRO C 152 -24.29 15.30 19.11
CA PRO C 152 -25.69 14.89 19.37
C PRO C 152 -25.92 14.67 20.87
N ALA C 153 -27.17 14.78 21.33
CA ALA C 153 -27.52 14.65 22.76
C ALA C 153 -27.26 13.25 23.36
N TYR C 154 -27.22 12.20 22.52
CA TYR C 154 -26.97 10.79 22.89
C TYR C 154 -25.48 10.43 23.00
N PHE C 155 -24.59 11.37 22.62
CA PHE C 155 -23.14 11.17 22.70
C PHE C 155 -22.73 11.00 24.16
N ASN C 156 -21.91 9.99 24.44
CA ASN C 156 -21.48 9.71 25.81
C ASN C 156 -20.26 10.55 26.21
N ASP C 157 -19.64 10.25 27.36
CA ASP C 157 -18.46 10.92 27.90
C ASP C 157 -17.26 10.77 26.95
N SER C 158 -17.07 9.55 26.39
CA SER C 158 -15.98 9.19 25.48
C SER C 158 -16.15 9.87 24.10
N GLN C 159 -17.38 9.87 23.58
CA GLN C 159 -17.74 10.48 22.32
C GLN C 159 -17.59 12.00 22.37
N ARG C 160 -17.86 12.60 23.54
CA ARG C 160 -17.73 14.04 23.77
C ARG C 160 -16.26 14.43 23.91
N GLN C 161 -15.48 13.66 24.69
CA GLN C 161 -14.04 13.90 24.88
C GLN C 161 -13.27 13.71 23.58
N ALA C 162 -13.71 12.77 22.73
CA ALA C 162 -13.10 12.54 21.43
C ALA C 162 -13.26 13.77 20.52
N THR C 163 -14.45 14.39 20.55
CA THR C 163 -14.81 15.59 19.78
C THR C 163 -14.04 16.81 20.33
N LYS C 164 -13.90 16.88 21.67
CA LYS C 164 -13.16 17.92 22.37
C LYS C 164 -11.67 17.83 21.95
N ASP C 165 -11.11 16.60 21.87
CA ASP C 165 -9.74 16.32 21.46
C ASP C 165 -9.52 16.64 19.97
N ALA C 166 -10.57 16.46 19.14
CA ALA C 166 -10.53 16.78 17.71
C ALA C 166 -10.40 18.29 17.50
N GLY C 167 -10.95 19.08 18.43
CA GLY C 167 -10.85 20.54 18.40
C GLY C 167 -9.48 20.97 18.87
N THR C 168 -8.94 20.28 19.90
CA THR C 168 -7.62 20.51 20.47
C THR C 168 -6.53 20.26 19.41
N ILE C 169 -6.62 19.11 18.69
CA ILE C 169 -5.69 18.73 17.61
C ILE C 169 -5.78 19.75 16.44
N ALA C 170 -6.98 20.27 16.16
CA ALA C 170 -7.24 21.27 15.13
C ALA C 170 -6.74 22.69 15.46
N GLY C 171 -6.26 22.90 16.70
CA GLY C 171 -5.73 24.17 17.17
C GLY C 171 -6.80 25.14 17.66
N LEU C 172 -7.95 24.59 18.08
CA LEU C 172 -9.07 25.38 18.58
C LEU C 172 -9.14 25.37 20.09
N ASN C 173 -9.60 26.49 20.66
CA ASN C 173 -9.88 26.61 22.08
C ASN C 173 -11.38 26.38 22.14
N VAL C 174 -11.78 25.11 22.37
CA VAL C 174 -13.18 24.70 22.45
C VAL C 174 -13.84 25.30 23.69
N LEU C 175 -14.58 26.41 23.49
CA LEU C 175 -15.31 27.18 24.52
C LEU C 175 -16.39 26.35 25.21
N ARG C 176 -16.99 25.44 24.45
CA ARG C 176 -18.00 24.52 24.96
C ARG C 176 -18.39 23.41 23.98
N ILE C 177 -18.82 22.27 24.52
CA ILE C 177 -19.31 21.18 23.70
C ILE C 177 -20.77 21.25 24.07
N ILE C 178 -21.62 21.50 23.09
CA ILE C 178 -23.04 21.63 23.36
C ILE C 178 -23.84 20.68 22.50
N ASN C 179 -25.03 20.36 22.98
CA ASN C 179 -25.90 19.44 22.26
C ASN C 179 -26.50 20.11 21.04
N GLU C 180 -26.58 19.36 19.93
CA GLU C 180 -27.20 19.82 18.67
C GLU C 180 -28.67 20.30 18.90
N PRO C 181 -29.56 19.54 19.59
CA PRO C 181 -30.93 20.06 19.84
C PRO C 181 -30.98 21.34 20.69
N THR C 182 -29.99 21.53 21.60
CA THR C 182 -29.87 22.73 22.43
C THR C 182 -29.49 23.92 21.53
N ALA C 183 -28.52 23.71 20.59
CA ALA C 183 -28.05 24.72 19.64
C ALA C 183 -29.21 25.19 18.75
N ALA C 184 -29.97 24.24 18.16
CA ALA C 184 -31.15 24.52 17.34
C ALA C 184 -32.20 25.36 18.11
N ALA C 185 -32.37 25.09 19.43
CA ALA C 185 -33.28 25.81 20.34
C ALA C 185 -32.79 27.24 20.63
N ILE C 186 -31.45 27.41 20.77
CA ILE C 186 -30.79 28.70 20.96
C ILE C 186 -30.99 29.57 19.69
N ALA C 187 -30.90 28.96 18.48
CA ALA C 187 -31.10 29.63 17.20
C ALA C 187 -32.46 30.36 17.09
N TYR C 188 -33.51 29.79 17.71
CA TYR C 188 -34.87 30.35 17.72
C TYR C 188 -35.22 31.15 18.98
N GLY C 189 -34.21 31.37 19.84
CA GLY C 189 -34.31 32.12 21.08
C GLY C 189 -35.44 31.65 21.99
N LEU C 190 -35.56 30.31 22.13
CA LEU C 190 -36.57 29.64 22.94
C LEU C 190 -36.23 29.73 24.44
N ASP C 191 -34.96 30.06 24.76
CA ASP C 191 -34.40 30.24 26.09
C ASP C 191 -34.53 31.68 26.59
N LYS C 192 -34.85 32.63 25.70
CA LYS C 192 -35.06 34.02 26.08
C LYS C 192 -36.54 34.24 26.37
N LYS C 193 -37.41 33.39 25.80
CA LYS C 193 -38.86 33.42 25.93
C LYS C 193 -39.31 33.42 27.39
N VAL C 194 -40.07 34.45 27.76
CA VAL C 194 -40.60 34.69 29.10
C VAL C 194 -41.59 33.59 29.54
N GLY C 195 -41.83 33.50 30.85
CA GLY C 195 -42.75 32.54 31.45
C GLY C 195 -42.10 31.39 32.18
N ALA C 196 -42.89 30.31 32.42
CA ALA C 196 -42.50 29.09 33.11
C ALA C 196 -41.60 28.19 32.23
N GLU C 197 -41.40 26.92 32.63
CA GLU C 197 -40.55 25.99 31.88
C GLU C 197 -41.16 25.63 30.52
N ARG C 198 -40.31 25.64 29.47
CA ARG C 198 -40.69 25.35 28.10
C ARG C 198 -40.24 23.94 27.69
N ASN C 199 -41.21 23.10 27.28
CA ASN C 199 -40.95 21.77 26.79
C ASN C 199 -40.82 21.91 25.28
N VAL C 200 -39.61 21.65 24.76
CA VAL C 200 -39.32 21.82 23.33
C VAL C 200 -38.95 20.51 22.64
N LEU C 201 -39.61 20.22 21.53
CA LEU C 201 -39.29 19.04 20.71
C LEU C 201 -38.46 19.51 19.51
N ILE C 202 -37.35 18.80 19.25
CA ILE C 202 -36.44 19.05 18.12
C ILE C 202 -36.59 17.87 17.14
N PHE C 203 -36.99 18.16 15.91
CA PHE C 203 -37.18 17.19 14.84
C PHE C 203 -36.02 17.34 13.82
N ASP C 204 -34.98 16.49 13.97
CA ASP C 204 -33.77 16.50 13.15
C ASP C 204 -33.70 15.41 12.09
N LEU C 205 -34.13 15.74 10.86
CA LEU C 205 -34.08 14.80 9.74
C LEU C 205 -33.18 15.40 8.67
N GLY C 206 -31.94 14.94 8.63
CA GLY C 206 -30.90 15.42 7.74
C GLY C 206 -29.52 14.92 8.16
N GLY C 207 -28.63 14.80 7.18
CA GLY C 207 -27.27 14.33 7.38
C GLY C 207 -27.18 12.83 7.60
N GLY C 208 -27.99 12.08 6.83
CA GLY C 208 -28.06 10.61 6.85
C GLY C 208 -28.58 9.96 8.12
N THR C 209 -29.02 10.80 9.08
CA THR C 209 -29.54 10.35 10.36
C THR C 209 -30.81 11.13 10.76
N PHE C 210 -31.57 10.56 11.71
CA PHE C 210 -32.80 11.13 12.25
C PHE C 210 -32.77 11.06 13.78
N ASP C 211 -32.99 12.22 14.46
CA ASP C 211 -32.96 12.35 15.92
C ASP C 211 -34.06 13.29 16.43
N VAL C 212 -34.96 12.75 17.26
CA VAL C 212 -36.02 13.50 17.90
C VAL C 212 -35.58 13.70 19.36
N SER C 213 -35.50 14.96 19.80
CA SER C 213 -35.12 15.27 21.18
C SER C 213 -36.17 16.09 21.88
N ILE C 214 -36.33 15.86 23.19
CA ILE C 214 -37.25 16.64 24.03
C ILE C 214 -36.42 17.35 25.09
N LEU C 215 -36.49 18.68 25.09
CA LEU C 215 -35.77 19.55 26.02
C LEU C 215 -36.72 20.24 26.99
N THR C 216 -36.17 20.73 28.09
CA THR C 216 -36.83 21.54 29.09
C THR C 216 -35.97 22.76 29.28
N ILE C 217 -36.55 23.95 29.03
CA ILE C 217 -35.88 25.24 29.19
C ILE C 217 -36.53 26.00 30.34
N GLU C 218 -35.81 26.11 31.46
CA GLU C 218 -36.30 26.83 32.64
C GLU C 218 -35.21 27.82 33.05
N ASP C 219 -35.51 29.12 32.90
CA ASP C 219 -34.65 30.25 33.25
C ASP C 219 -33.22 30.12 32.66
N GLY C 220 -33.18 29.81 31.38
CA GLY C 220 -31.95 29.67 30.61
C GLY C 220 -31.27 28.30 30.70
N ILE C 221 -31.70 27.48 31.66
CA ILE C 221 -31.13 26.15 31.84
C ILE C 221 -31.88 25.10 31.04
N PHE C 222 -31.13 24.36 30.25
CA PHE C 222 -31.67 23.31 29.39
C PHE C 222 -31.56 21.97 30.09
N GLU C 223 -32.53 21.07 29.86
CA GLU C 223 -32.55 19.72 30.40
C GLU C 223 -32.99 18.75 29.31
N VAL C 224 -32.18 17.69 29.04
CA VAL C 224 -32.55 16.68 28.04
C VAL C 224 -33.48 15.69 28.74
N LYS C 225 -34.74 15.63 28.28
CA LYS C 225 -35.75 14.78 28.87
C LYS C 225 -35.85 13.40 28.19
N SER C 226 -35.58 13.36 26.85
CA SER C 226 -35.61 12.14 26.03
C SER C 226 -35.00 12.34 24.64
N THR C 227 -34.48 11.24 24.05
CA THR C 227 -33.89 11.19 22.71
C THR C 227 -34.39 9.92 22.02
N ALA C 228 -34.88 10.05 20.77
CA ALA C 228 -35.36 8.94 19.96
C ALA C 228 -34.99 9.17 18.48
N GLY C 229 -35.24 8.20 17.62
CA GLY C 229 -34.95 8.31 16.19
C GLY C 229 -34.15 7.20 15.54
N ASP C 230 -34.23 7.11 14.21
CA ASP C 230 -33.51 6.13 13.40
C ASP C 230 -32.17 6.70 12.97
N THR C 231 -31.07 6.02 13.36
CA THR C 231 -29.67 6.38 13.07
C THR C 231 -29.33 6.31 11.56
N HIS C 232 -30.00 5.40 10.83
CA HIS C 232 -29.77 5.19 9.39
C HIS C 232 -31.05 5.38 8.55
N LEU C 233 -31.58 6.62 8.58
CA LEU C 233 -32.74 7.08 7.83
C LEU C 233 -32.48 8.54 7.49
N GLY C 234 -32.58 8.86 6.21
CA GLY C 234 -32.36 10.22 5.72
C GLY C 234 -32.88 10.48 4.31
N GLY C 235 -32.28 11.47 3.66
CA GLY C 235 -32.62 11.90 2.31
C GLY C 235 -32.35 10.86 1.25
N GLU C 236 -31.25 10.07 1.42
CA GLU C 236 -30.82 8.99 0.53
C GLU C 236 -31.87 7.90 0.35
N ASP C 237 -32.73 7.68 1.38
CA ASP C 237 -33.84 6.72 1.36
C ASP C 237 -34.97 7.27 0.50
N PHE C 238 -35.20 8.60 0.54
CA PHE C 238 -36.25 9.27 -0.24
C PHE C 238 -35.84 9.37 -1.71
N ASP C 239 -34.52 9.36 -1.98
CA ASP C 239 -33.96 9.37 -3.32
C ASP C 239 -34.13 7.99 -3.96
N ASN C 240 -33.83 6.91 -3.20
CA ASN C 240 -33.92 5.52 -3.64
C ASN C 240 -35.30 5.21 -4.22
N ARG C 241 -36.37 5.60 -3.49
CA ARG C 241 -37.77 5.38 -3.86
C ARG C 241 -38.16 6.09 -5.17
N MET C 242 -37.48 7.19 -5.48
CA MET C 242 -37.65 7.95 -6.73
C MET C 242 -36.86 7.25 -7.83
N VAL C 243 -35.65 6.73 -7.50
CA VAL C 243 -34.78 6.02 -8.45
C VAL C 243 -35.45 4.69 -8.89
N ASN C 244 -36.02 3.96 -7.92
CA ASN C 244 -36.71 2.72 -8.17
C ASN C 244 -37.94 2.95 -9.06
N HIS C 245 -38.62 4.07 -8.83
CA HIS C 245 -39.81 4.46 -9.57
C HIS C 245 -39.49 4.69 -11.04
N PHE C 246 -38.41 5.40 -11.27
CA PHE C 246 -37.90 5.69 -12.61
C PHE C 246 -37.28 4.50 -13.36
N ILE C 247 -36.67 3.56 -12.64
CA ILE C 247 -36.05 2.38 -13.27
C ILE C 247 -37.21 1.50 -13.74
N ALA C 248 -38.28 1.42 -12.92
CA ALA C 248 -39.50 0.66 -13.19
C ALA C 248 -40.28 1.28 -14.34
N GLU C 249 -40.25 2.63 -14.42
CA GLU C 249 -40.89 3.43 -15.45
C GLU C 249 -40.19 3.22 -16.80
N PHE C 250 -38.83 3.29 -16.83
CA PHE C 250 -38.02 3.06 -18.04
C PHE C 250 -38.27 1.62 -18.55
N LYS C 251 -38.46 0.65 -17.62
CA LYS C 251 -38.77 -0.75 -17.94
C LYS C 251 -40.10 -0.85 -18.65
N ARG C 252 -41.14 -0.16 -18.13
CA ARG C 252 -42.48 -0.18 -18.72
C ARG C 252 -42.49 0.51 -20.08
N LYS C 253 -41.87 1.69 -20.15
CA LYS C 253 -41.76 2.47 -21.37
C LYS C 253 -40.89 1.90 -22.49
N HIS C 254 -39.72 1.36 -22.14
CA HIS C 254 -38.79 0.82 -23.14
C HIS C 254 -38.33 -0.63 -23.03
N LYS C 255 -38.79 -1.36 -22.02
CA LYS C 255 -38.42 -2.76 -21.82
C LYS C 255 -36.92 -3.01 -21.74
N LYS C 256 -36.24 -2.08 -21.09
CA LYS C 256 -34.79 -2.11 -20.82
C LYS C 256 -34.51 -1.97 -19.33
N ASP C 257 -33.52 -2.73 -18.81
CA ASP C 257 -33.12 -2.64 -17.41
C ASP C 257 -31.82 -1.83 -17.30
N ILE C 258 -31.94 -0.60 -16.78
CA ILE C 258 -30.80 0.31 -16.61
C ILE C 258 -30.01 0.05 -15.30
N SER C 259 -30.60 -0.74 -14.35
CA SER C 259 -30.06 -1.03 -13.01
C SER C 259 -28.61 -1.55 -12.98
N GLU C 260 -28.11 -2.12 -14.08
CA GLU C 260 -26.73 -2.61 -14.09
C GLU C 260 -25.75 -1.64 -14.77
N ASN C 261 -26.27 -0.56 -15.42
CA ASN C 261 -25.42 0.47 -16.00
C ASN C 261 -25.21 1.51 -14.91
N LYS C 262 -24.09 1.41 -14.19
CA LYS C 262 -23.70 2.29 -13.06
C LYS C 262 -23.78 3.78 -13.37
N ARG C 263 -23.29 4.19 -14.55
CA ARG C 263 -23.27 5.59 -15.01
C ARG C 263 -24.68 6.12 -15.27
N ALA C 264 -25.55 5.28 -15.89
CA ALA C 264 -26.95 5.63 -16.18
C ALA C 264 -27.70 5.83 -14.87
N VAL C 265 -27.53 4.90 -13.91
CA VAL C 265 -28.13 4.93 -12.58
C VAL C 265 -27.70 6.20 -11.82
N ARG C 266 -26.40 6.57 -11.91
CA ARG C 266 -25.84 7.77 -11.28
C ARG C 266 -26.49 9.05 -11.88
N ARG C 267 -26.68 9.05 -13.23
CA ARG C 267 -27.31 10.15 -13.95
C ARG C 267 -28.78 10.34 -13.52
N LEU C 268 -29.47 9.22 -13.28
CA LEU C 268 -30.86 9.23 -12.82
C LEU C 268 -30.94 9.72 -11.37
N ARG C 269 -30.03 9.21 -10.50
CA ARG C 269 -29.91 9.53 -9.08
C ARG C 269 -29.68 11.03 -8.84
N THR C 270 -28.75 11.65 -9.58
CA THR C 270 -28.39 13.07 -9.51
C THR C 270 -29.60 13.95 -9.92
N ALA C 271 -30.32 13.52 -10.97
CA ALA C 271 -31.51 14.18 -11.45
C ALA C 271 -32.64 14.04 -10.41
N CYS C 272 -32.73 12.87 -9.76
CA CYS C 272 -33.71 12.58 -8.70
C CYS C 272 -33.46 13.42 -7.47
N GLU C 273 -32.19 13.60 -7.07
CA GLU C 273 -31.75 14.38 -5.92
C GLU C 273 -32.17 15.85 -6.04
N ARG C 274 -32.12 16.40 -7.26
CA ARG C 274 -32.48 17.76 -7.66
C ARG C 274 -34.01 17.91 -7.74
N ALA C 275 -34.70 16.91 -8.38
CA ALA C 275 -36.16 16.87 -8.57
C ALA C 275 -36.89 16.87 -7.20
N LYS C 276 -36.35 16.10 -6.21
CA LYS C 276 -36.79 16.05 -4.82
C LYS C 276 -36.82 17.51 -4.23
N ARG C 277 -35.68 18.22 -4.28
CA ARG C 277 -35.49 19.61 -3.82
C ARG C 277 -36.49 20.59 -4.45
N THR C 278 -36.73 20.44 -5.78
CA THR C 278 -37.67 21.25 -6.56
C THR C 278 -39.10 21.08 -6.03
N LEU C 279 -39.46 19.84 -5.65
CA LEU C 279 -40.79 19.48 -5.13
C LEU C 279 -41.13 20.10 -3.77
N SER C 280 -40.17 20.81 -3.14
CA SER C 280 -40.38 21.51 -1.88
C SER C 280 -40.94 22.92 -2.17
N SER C 281 -40.59 23.50 -3.34
CA SER C 281 -41.07 24.82 -3.77
C SER C 281 -42.14 24.71 -4.88
N SER C 282 -41.99 23.72 -5.77
CA SER C 282 -42.92 23.43 -6.88
C SER C 282 -43.77 22.17 -6.61
N THR C 283 -44.85 22.00 -7.38
CA THR C 283 -45.78 20.87 -7.29
C THR C 283 -45.39 19.79 -8.31
N GLN C 284 -44.62 20.17 -9.34
CA GLN C 284 -44.13 19.31 -10.40
C GLN C 284 -42.62 19.49 -10.64
N ALA C 285 -41.98 18.41 -11.07
CA ALA C 285 -40.56 18.41 -11.36
C ALA C 285 -40.39 17.74 -12.71
N SER C 286 -39.46 18.22 -13.51
CA SER C 286 -39.25 17.66 -14.84
C SER C 286 -37.81 17.17 -15.05
N ILE C 287 -37.69 16.00 -15.64
CA ILE C 287 -36.40 15.39 -15.92
C ILE C 287 -36.21 15.08 -17.40
N GLU C 288 -35.07 15.50 -17.93
CA GLU C 288 -34.66 15.28 -19.32
C GLU C 288 -33.21 14.81 -19.31
N ILE C 289 -32.99 13.50 -19.56
CA ILE C 289 -31.67 12.86 -19.58
C ILE C 289 -31.47 12.19 -20.94
N ASP C 290 -30.72 12.86 -21.83
CA ASP C 290 -30.42 12.36 -23.18
C ASP C 290 -29.52 11.15 -23.14
N SER C 291 -29.82 10.14 -24.01
CA SER C 291 -29.05 8.88 -24.16
C SER C 291 -28.68 8.23 -22.80
N LEU C 292 -29.69 8.09 -21.91
CA LEU C 292 -29.56 7.51 -20.56
C LEU C 292 -28.98 6.09 -20.61
N TYR C 293 -29.64 5.18 -21.36
CA TYR C 293 -29.18 3.81 -21.50
C TYR C 293 -29.50 3.37 -22.93
N GLU C 294 -28.48 2.86 -23.65
CA GLU C 294 -28.57 2.36 -25.04
C GLU C 294 -29.16 3.39 -26.03
N GLY C 295 -28.65 4.63 -25.96
CA GLY C 295 -29.08 5.74 -26.80
C GLY C 295 -30.48 6.27 -26.57
N ILE C 296 -31.20 5.75 -25.55
CA ILE C 296 -32.59 6.17 -25.23
C ILE C 296 -32.63 7.41 -24.33
N ASP C 297 -33.22 8.51 -24.86
CA ASP C 297 -33.43 9.77 -24.16
C ASP C 297 -34.59 9.59 -23.19
N PHE C 298 -34.34 9.91 -21.91
CA PHE C 298 -35.33 9.77 -20.85
C PHE C 298 -35.97 11.12 -20.48
N TYR C 299 -37.17 11.35 -21.02
CA TYR C 299 -37.96 12.56 -20.81
C TYR C 299 -39.13 12.15 -19.95
N THR C 300 -39.17 12.68 -18.73
CA THR C 300 -40.18 12.32 -17.75
C THR C 300 -40.52 13.49 -16.78
N SER C 301 -41.45 13.20 -15.84
CA SER C 301 -41.94 14.13 -14.83
C SER C 301 -42.30 13.36 -13.56
N ILE C 302 -42.37 14.08 -12.43
CA ILE C 302 -42.74 13.55 -11.12
C ILE C 302 -43.44 14.66 -10.31
N THR C 303 -44.68 14.40 -9.93
CA THR C 303 -45.49 15.32 -9.15
C THR C 303 -45.11 15.18 -7.68
N ARG C 304 -45.42 16.21 -6.87
CA ARG C 304 -45.18 16.20 -5.42
C ARG C 304 -46.02 15.07 -4.80
N ALA C 305 -47.29 14.93 -5.26
CA ALA C 305 -48.22 13.90 -4.83
C ALA C 305 -47.62 12.52 -5.00
N ARG C 306 -46.99 12.24 -6.17
CA ARG C 306 -46.37 10.94 -6.45
C ARG C 306 -45.21 10.64 -5.52
N PHE C 307 -44.27 11.61 -5.37
CA PHE C 307 -43.10 11.55 -4.49
C PHE C 307 -43.53 11.16 -3.06
N GLU C 308 -44.60 11.80 -2.56
CA GLU C 308 -45.21 11.59 -1.25
C GLU C 308 -45.73 10.16 -1.08
N GLU C 309 -46.32 9.58 -2.13
CA GLU C 309 -46.86 8.21 -2.16
C GLU C 309 -45.72 7.18 -2.10
N LEU C 310 -44.65 7.40 -2.90
CA LEU C 310 -43.46 6.55 -2.98
C LEU C 310 -42.72 6.44 -1.64
N ASN C 311 -42.80 7.52 -0.81
CA ASN C 311 -42.15 7.63 0.49
C ASN C 311 -43.13 7.67 1.69
N ALA C 312 -44.43 7.38 1.44
CA ALA C 312 -45.53 7.38 2.40
C ALA C 312 -45.24 6.69 3.75
N ASP C 313 -44.69 5.47 3.72
CA ASP C 313 -44.34 4.70 4.92
C ASP C 313 -43.14 5.32 5.65
N LEU C 314 -42.16 5.78 4.89
CA LEU C 314 -40.96 6.41 5.43
C LEU C 314 -41.24 7.75 6.09
N PHE C 315 -42.05 8.57 5.45
CA PHE C 315 -42.45 9.86 5.98
C PHE C 315 -43.27 9.68 7.25
N ARG C 316 -44.20 8.72 7.22
CA ARG C 316 -45.05 8.45 8.38
C ARG C 316 -44.20 7.92 9.54
N GLY C 317 -43.27 7.03 9.22
CA GLY C 317 -42.33 6.43 10.16
C GLY C 317 -41.48 7.41 10.97
N THR C 318 -41.59 8.72 10.67
CA THR C 318 -40.88 9.78 11.39
C THR C 318 -41.67 10.16 12.66
N LEU C 319 -42.94 9.73 12.76
CA LEU C 319 -43.81 10.00 13.90
C LEU C 319 -43.62 9.01 15.02
N ASP C 320 -43.13 7.81 14.69
CA ASP C 320 -42.83 6.75 15.68
C ASP C 320 -41.80 7.25 16.72
N PRO C 321 -40.61 7.80 16.34
CA PRO C 321 -39.69 8.34 17.36
C PRO C 321 -40.21 9.60 18.08
N VAL C 322 -41.18 10.33 17.48
CA VAL C 322 -41.80 11.52 18.06
C VAL C 322 -42.69 11.06 19.23
N GLU C 323 -43.42 9.95 19.02
CA GLU C 323 -44.27 9.35 20.03
C GLU C 323 -43.42 8.70 21.12
N LYS C 324 -42.35 7.97 20.73
CA LYS C 324 -41.43 7.30 21.66
C LYS C 324 -40.69 8.30 22.55
N ALA C 325 -40.35 9.49 22.02
CA ALA C 325 -39.70 10.56 22.78
C ALA C 325 -40.67 11.09 23.85
N LEU C 326 -41.94 11.37 23.46
CA LEU C 326 -42.99 11.85 24.37
C LEU C 326 -43.23 10.85 25.52
N ARG C 327 -43.33 9.53 25.20
CA ARG C 327 -43.52 8.47 26.21
C ARG C 327 -42.41 8.50 27.27
N ASP C 328 -41.14 8.56 26.81
CA ASP C 328 -39.93 8.54 27.62
C ASP C 328 -39.71 9.82 28.44
N ALA C 329 -40.20 10.97 27.95
CA ALA C 329 -40.10 12.27 28.62
C ALA C 329 -41.30 12.50 29.55
N LYS C 330 -42.23 11.52 29.65
CA LYS C 330 -43.44 11.54 30.46
C LYS C 330 -44.33 12.77 30.18
N LEU C 331 -44.49 13.11 28.88
CA LEU C 331 -45.26 14.27 28.42
C LEU C 331 -46.27 13.97 27.32
N ASP C 332 -47.36 14.75 27.30
CA ASP C 332 -48.43 14.70 26.31
C ASP C 332 -47.96 15.62 25.18
N LYS C 333 -48.45 15.35 23.95
CA LYS C 333 -48.13 16.14 22.75
C LYS C 333 -48.67 17.59 22.87
N SER C 334 -49.68 17.81 23.72
CA SER C 334 -50.30 19.11 24.01
C SER C 334 -49.44 19.96 24.96
N GLN C 335 -48.53 19.28 25.65
CA GLN C 335 -47.61 19.87 26.61
C GLN C 335 -46.31 20.37 25.99
N ILE C 336 -46.22 20.27 24.66
CA ILE C 336 -45.06 20.72 23.92
C ILE C 336 -45.27 22.18 23.54
N HIS C 337 -44.41 23.04 24.06
CA HIS C 337 -44.38 24.47 23.80
C HIS C 337 -43.88 24.92 22.42
N ASP C 338 -42.87 24.20 21.91
CA ASP C 338 -42.18 24.51 20.65
C ASP C 338 -41.73 23.28 19.90
N ILE C 339 -41.79 23.36 18.56
CA ILE C 339 -41.29 22.30 17.66
C ILE C 339 -40.28 22.99 16.75
N VAL C 340 -39.08 22.43 16.66
CA VAL C 340 -37.99 22.97 15.84
C VAL C 340 -37.65 21.98 14.74
N LEU C 341 -37.48 22.47 13.48
CA LEU C 341 -37.13 21.70 12.29
C LEU C 341 -35.68 21.90 11.93
N VAL C 342 -34.91 20.81 11.85
CA VAL C 342 -33.49 20.90 11.52
C VAL C 342 -33.09 19.73 10.58
N GLY C 343 -32.23 20.04 9.61
CA GLY C 343 -31.77 19.08 8.61
C GLY C 343 -32.52 19.23 7.32
N GLY C 344 -31.78 19.30 6.22
CA GLY C 344 -32.31 19.49 4.87
C GLY C 344 -33.64 18.83 4.56
N SER C 345 -33.84 17.58 5.04
CA SER C 345 -35.06 16.79 4.80
C SER C 345 -36.36 17.38 5.41
N THR C 346 -36.26 18.23 6.46
CA THR C 346 -37.46 18.84 7.07
C THR C 346 -38.15 19.82 6.09
N ARG C 347 -37.48 20.15 4.97
CA ARG C 347 -37.97 21.04 3.93
C ARG C 347 -39.16 20.45 3.16
N ILE C 348 -39.30 19.11 3.20
CA ILE C 348 -40.38 18.39 2.52
C ILE C 348 -41.73 18.80 3.15
N PRO C 349 -42.66 19.38 2.33
CA PRO C 349 -43.96 19.82 2.87
C PRO C 349 -44.80 18.75 3.57
N LYS C 350 -44.69 17.47 3.14
CA LYS C 350 -45.41 16.33 3.73
C LYS C 350 -44.88 16.01 5.14
N ILE C 351 -43.55 16.10 5.33
CA ILE C 351 -42.87 15.90 6.62
C ILE C 351 -43.36 16.98 7.61
N GLN C 352 -43.46 18.24 7.15
CA GLN C 352 -43.95 19.39 7.90
C GLN C 352 -45.44 19.25 8.22
N LYS C 353 -46.24 18.77 7.24
CA LYS C 353 -47.69 18.60 7.38
C LYS C 353 -48.03 17.53 8.40
N LEU C 354 -47.42 16.32 8.28
CA LEU C 354 -47.65 15.18 9.19
C LEU C 354 -47.31 15.53 10.65
N LEU C 355 -46.20 16.26 10.86
CA LEU C 355 -45.74 16.70 12.17
C LEU C 355 -46.65 17.79 12.75
N GLN C 356 -47.16 18.72 11.90
CA GLN C 356 -48.09 19.79 12.29
C GLN C 356 -49.49 19.24 12.57
N ASP C 357 -49.94 18.23 11.78
CA ASP C 357 -51.21 17.53 11.93
C ASP C 357 -51.23 16.75 13.24
N PHE C 358 -50.07 16.12 13.58
CA PHE C 358 -49.89 15.35 14.80
C PHE C 358 -50.02 16.27 16.01
N PHE C 359 -49.40 17.47 15.94
CA PHE C 359 -49.41 18.48 17.01
C PHE C 359 -50.63 19.42 16.97
N ASN C 360 -51.74 18.92 16.39
CA ASN C 360 -53.06 19.55 16.28
C ASN C 360 -53.05 21.01 15.78
N GLY C 361 -52.23 21.26 14.76
CA GLY C 361 -52.11 22.55 14.09
C GLY C 361 -51.11 23.54 14.63
N LYS C 362 -50.19 23.10 15.48
CA LYS C 362 -49.17 23.99 16.03
C LYS C 362 -48.11 24.40 14.99
N GLU C 363 -47.79 25.68 14.95
CA GLU C 363 -46.80 26.24 14.03
C GLU C 363 -45.38 25.83 14.42
N LEU C 364 -44.66 25.28 13.45
CA LEU C 364 -43.29 24.83 13.62
C LEU C 364 -42.27 25.96 13.43
N ASN C 365 -41.09 25.81 14.03
CA ASN C 365 -40.00 26.77 13.89
C ASN C 365 -39.16 26.29 12.70
N LYS C 366 -39.26 27.00 11.57
CA LYS C 366 -38.68 26.58 10.29
C LYS C 366 -38.02 27.70 9.44
N SER C 367 -38.03 28.97 9.95
CA SER C 367 -37.48 30.15 9.27
C SER C 367 -35.98 30.07 8.96
N ILE C 368 -35.17 29.61 9.94
CA ILE C 368 -33.71 29.45 9.80
C ILE C 368 -33.47 28.18 8.97
N ASN C 369 -32.57 28.26 7.98
CA ASN C 369 -32.17 27.16 7.10
C ASN C 369 -31.94 25.89 7.96
N PRO C 370 -32.65 24.77 7.68
CA PRO C 370 -32.51 23.57 8.53
C PRO C 370 -31.11 22.98 8.56
N ASP C 371 -30.35 23.15 7.46
CA ASP C 371 -28.96 22.74 7.28
C ASP C 371 -28.02 23.57 8.16
N GLU C 372 -28.40 24.84 8.41
CA GLU C 372 -27.61 25.83 9.14
C GLU C 372 -28.06 26.14 10.58
N ALA C 373 -29.27 25.69 11.01
CA ALA C 373 -29.86 25.95 12.34
C ALA C 373 -28.95 25.60 13.54
N VAL C 374 -28.28 24.44 13.52
CA VAL C 374 -27.36 23.97 14.58
C VAL C 374 -26.11 24.88 14.63
N ALA C 375 -25.52 25.26 13.45
CA ALA C 375 -24.35 26.16 13.39
C ALA C 375 -24.72 27.56 13.84
N TYR C 376 -25.96 28.00 13.55
CA TYR C 376 -26.55 29.29 13.93
C TYR C 376 -26.55 29.43 15.48
N GLY C 377 -27.10 28.43 16.17
CA GLY C 377 -27.15 28.40 17.63
C GLY C 377 -25.78 28.28 18.27
N ALA C 378 -24.87 27.52 17.63
CA ALA C 378 -23.48 27.34 18.07
C ALA C 378 -22.70 28.67 17.98
N ALA C 379 -23.02 29.49 16.96
CA ALA C 379 -22.44 30.81 16.69
C ALA C 379 -22.95 31.84 17.72
N VAL C 380 -24.20 31.69 18.16
CA VAL C 380 -24.81 32.55 19.19
C VAL C 380 -24.11 32.25 20.54
N GLN C 381 -23.93 30.94 20.85
CA GLN C 381 -23.28 30.46 22.09
C GLN C 381 -21.82 30.88 22.17
N ALA C 382 -21.09 30.88 21.03
CA ALA C 382 -19.71 31.30 20.90
C ALA C 382 -19.55 32.80 21.19
N ALA C 383 -20.54 33.60 20.76
CA ALA C 383 -20.59 35.05 20.99
C ALA C 383 -21.01 35.35 22.44
N ILE C 384 -21.88 34.50 23.04
CA ILE C 384 -22.36 34.60 24.44
C ILE C 384 -21.21 34.31 25.40
N LEU C 385 -20.44 33.24 25.13
CA LEU C 385 -19.29 32.79 25.92
C LEU C 385 -18.09 33.75 25.86
N SER C 386 -18.09 34.66 24.88
CA SER C 386 -17.05 35.67 24.70
C SER C 386 -17.48 37.00 25.32
N ASN D 6 -36.79 31.18 -32.76
CA ASN D 6 -35.57 31.83 -32.31
C ASN D 6 -35.84 32.90 -31.25
N SER D 7 -36.09 32.44 -30.03
CA SER D 7 -36.38 33.30 -28.89
C SER D 7 -35.10 33.75 -28.18
N PRO D 8 -35.10 34.90 -27.54
CA PRO D 8 -33.92 35.38 -26.80
C PRO D 8 -33.56 34.46 -25.63
N GLN D 9 -34.58 33.90 -25.00
CA GLN D 9 -34.48 32.99 -23.84
C GLN D 9 -33.71 31.73 -24.25
N GLU D 10 -33.74 31.40 -25.55
CA GLU D 10 -33.02 30.27 -26.12
C GLU D 10 -31.50 30.54 -26.15
N GLU D 11 -31.08 31.82 -26.31
CA GLU D 11 -29.67 32.23 -26.36
C GLU D 11 -28.98 32.00 -25.02
N VAL D 12 -29.76 32.07 -23.92
CA VAL D 12 -29.32 31.83 -22.55
C VAL D 12 -28.92 30.36 -22.43
N GLU D 13 -29.80 29.46 -22.95
CA GLU D 13 -29.61 28.02 -22.95
C GLU D 13 -28.50 27.59 -23.90
N LEU D 14 -28.41 28.21 -25.08
CA LEU D 14 -27.37 27.92 -26.08
C LEU D 14 -25.98 28.33 -25.61
N LYS D 15 -25.88 29.44 -24.82
CA LYS D 15 -24.64 29.94 -24.24
C LYS D 15 -24.12 28.96 -23.18
N LYS D 16 -25.05 28.39 -22.36
CA LYS D 16 -24.75 27.39 -21.32
C LYS D 16 -24.10 26.17 -21.99
N LEU D 17 -24.69 25.72 -23.12
CA LEU D 17 -24.22 24.61 -23.93
C LEU D 17 -22.89 24.88 -24.62
N LYS D 18 -22.60 26.16 -24.95
CA LYS D 18 -21.33 26.57 -25.55
C LYS D 18 -20.22 26.45 -24.50
N HIS D 19 -20.53 26.81 -23.24
CA HIS D 19 -19.59 26.73 -22.11
C HIS D 19 -19.32 25.27 -21.75
N LEU D 20 -20.37 24.43 -21.80
CA LEU D 20 -20.29 22.99 -21.54
C LEU D 20 -19.45 22.30 -22.61
N GLU D 21 -19.63 22.69 -23.90
CA GLU D 21 -18.90 22.19 -25.07
C GLU D 21 -17.41 22.54 -24.97
N LYS D 22 -17.11 23.78 -24.52
CA LYS D 22 -15.78 24.34 -24.32
C LYS D 22 -15.04 23.50 -23.29
N SER D 23 -15.69 23.22 -22.14
CA SER D 23 -15.20 22.40 -21.03
C SER D 23 -14.92 20.97 -21.45
N VAL D 24 -15.74 20.41 -22.37
CA VAL D 24 -15.59 19.06 -22.92
C VAL D 24 -14.30 18.96 -23.72
N GLU D 25 -13.98 19.99 -24.54
CA GLU D 25 -12.76 20.06 -25.34
C GLU D 25 -11.53 20.03 -24.44
N LYS D 26 -11.60 20.71 -23.28
CA LYS D 26 -10.54 20.75 -22.25
C LYS D 26 -10.28 19.35 -21.67
N ILE D 27 -11.34 18.54 -21.44
CA ILE D 27 -11.22 17.17 -20.92
C ILE D 27 -10.73 16.25 -22.05
N ALA D 28 -11.25 16.45 -23.29
CA ALA D 28 -10.85 15.71 -24.49
C ALA D 28 -9.34 15.83 -24.77
N ASP D 29 -8.74 16.99 -24.41
CA ASP D 29 -7.31 17.27 -24.55
C ASP D 29 -6.48 16.39 -23.60
N GLN D 30 -6.99 16.17 -22.35
CA GLN D 30 -6.36 15.33 -21.33
C GLN D 30 -6.40 13.86 -21.77
N LEU D 31 -7.53 13.43 -22.36
CA LEU D 31 -7.77 12.07 -22.88
C LEU D 31 -6.79 11.79 -24.01
N GLU D 32 -6.55 12.80 -24.87
CA GLU D 32 -5.62 12.70 -25.98
C GLU D 32 -4.17 12.58 -25.49
N GLU D 33 -3.81 13.30 -24.40
CA GLU D 33 -2.47 13.21 -23.80
C GLU D 33 -2.26 11.84 -23.17
N LEU D 34 -3.29 11.30 -22.50
CA LEU D 34 -3.23 9.93 -21.95
C LEU D 34 -3.04 8.91 -23.07
N ASN D 35 -3.72 9.11 -24.23
CA ASN D 35 -3.64 8.25 -25.43
C ASN D 35 -2.22 8.28 -25.99
N LYS D 36 -1.56 9.45 -25.96
CA LYS D 36 -0.18 9.66 -26.40
C LYS D 36 0.82 8.96 -25.46
N GLU D 37 0.44 8.80 -24.18
CA GLU D 37 1.24 8.11 -23.16
C GLU D 37 0.98 6.60 -23.19
N LEU D 38 -0.27 6.18 -23.47
CA LEU D 38 -0.66 4.78 -23.63
C LEU D 38 0.10 4.18 -24.83
N THR D 39 0.05 4.88 -26.00
CA THR D 39 0.78 4.50 -27.23
C THR D 39 2.31 4.65 -26.98
N GLY D 40 2.67 5.65 -26.17
CA GLY D 40 4.04 5.98 -25.77
C GLY D 40 4.78 4.88 -25.01
N ILE D 41 4.06 4.11 -24.19
CA ILE D 41 4.57 2.97 -23.43
C ILE D 41 4.58 1.71 -24.33
N GLN D 42 3.48 1.45 -25.10
CA GLN D 42 3.33 0.30 -26.00
C GLN D 42 4.39 0.23 -27.12
N GLN D 43 4.80 1.38 -27.65
CA GLN D 43 5.80 1.50 -28.70
C GLN D 43 7.08 2.22 -28.21
N GLY D 44 7.30 2.17 -26.88
CA GLY D 44 8.43 2.81 -26.22
C GLY D 44 9.62 1.93 -25.93
N PHE D 45 10.63 2.53 -25.29
CA PHE D 45 11.92 1.92 -24.90
C PHE D 45 11.92 1.17 -23.56
N LEU D 46 10.82 1.24 -22.82
CA LEU D 46 10.75 0.60 -21.50
C LEU D 46 10.72 -0.93 -21.53
N PRO D 47 11.42 -1.58 -20.59
CA PRO D 47 11.40 -3.06 -20.55
C PRO D 47 10.02 -3.62 -20.20
N LYS D 48 9.72 -4.85 -20.69
CA LYS D 48 8.43 -5.56 -20.54
C LYS D 48 7.79 -5.47 -19.13
N ASP D 49 8.56 -5.80 -18.07
CA ASP D 49 8.09 -5.77 -16.68
C ASP D 49 7.82 -4.35 -16.17
N LEU D 50 8.66 -3.38 -16.60
CA LEU D 50 8.56 -1.97 -16.25
C LEU D 50 7.33 -1.33 -16.90
N GLN D 51 6.98 -1.79 -18.13
CA GLN D 51 5.83 -1.33 -18.92
C GLN D 51 4.50 -1.51 -18.17
N ALA D 52 4.30 -2.68 -17.53
CA ALA D 52 3.10 -2.98 -16.76
C ALA D 52 2.84 -1.93 -15.64
N GLU D 53 3.93 -1.51 -14.96
CA GLU D 53 3.89 -0.47 -13.92
C GLU D 53 3.61 0.89 -14.55
N ALA D 54 4.36 1.22 -15.62
CA ALA D 54 4.23 2.46 -16.40
C ALA D 54 2.81 2.70 -16.91
N LEU D 55 2.15 1.62 -17.41
CA LEU D 55 0.76 1.66 -17.90
C LEU D 55 -0.19 1.93 -16.73
N CYS D 56 -0.06 1.14 -15.65
CA CYS D 56 -0.90 1.25 -14.45
C CYS D 56 -0.78 2.60 -13.71
N LYS D 57 0.36 3.32 -13.87
CA LYS D 57 0.56 4.63 -13.24
C LYS D 57 -0.38 5.71 -13.84
N LEU D 58 -0.96 5.42 -15.02
CA LEU D 58 -1.88 6.30 -15.74
C LEU D 58 -3.35 6.15 -15.24
N ASP D 59 -3.62 5.19 -14.32
CA ASP D 59 -4.94 4.88 -13.76
C ASP D 59 -5.64 6.05 -13.05
N ARG D 60 -4.92 6.85 -12.24
CA ARG D 60 -5.49 8.00 -11.54
C ARG D 60 -6.05 9.04 -12.53
N ARG D 61 -5.31 9.32 -13.61
CA ARG D 61 -5.69 10.28 -14.65
C ARG D 61 -6.87 9.85 -15.52
N VAL D 62 -6.98 8.53 -15.86
CA VAL D 62 -8.08 8.01 -16.68
C VAL D 62 -9.41 8.07 -15.89
N LYS D 63 -9.35 7.80 -14.57
CA LYS D 63 -10.49 7.87 -13.63
C LYS D 63 -10.87 9.33 -13.40
N ALA D 64 -9.88 10.24 -13.40
CA ALA D 64 -10.07 11.68 -13.28
C ALA D 64 -10.83 12.20 -14.51
N THR D 65 -10.40 11.77 -15.71
CA THR D 65 -11.01 12.11 -17.00
C THR D 65 -12.46 11.56 -17.08
N ILE D 66 -12.68 10.31 -16.62
CA ILE D 66 -14.01 9.68 -16.57
C ILE D 66 -14.96 10.51 -15.69
N GLU D 67 -14.51 10.87 -14.46
CA GLU D 67 -15.26 11.65 -13.47
C GLU D 67 -15.71 13.03 -13.97
N GLN D 68 -14.80 13.73 -14.68
CA GLN D 68 -15.02 15.05 -15.27
C GLN D 68 -16.09 15.00 -16.36
N PHE D 69 -16.04 13.97 -17.22
CA PHE D 69 -17.02 13.76 -18.28
C PHE D 69 -18.40 13.47 -17.68
N MET D 70 -18.43 12.74 -16.53
CA MET D 70 -19.63 12.40 -15.79
C MET D 70 -20.25 13.65 -15.17
N LYS D 71 -19.43 14.54 -14.59
CA LYS D 71 -19.88 15.81 -14.00
C LYS D 71 -20.45 16.75 -15.05
N ILE D 72 -19.92 16.68 -16.27
CA ILE D 72 -20.42 17.43 -17.42
C ILE D 72 -21.83 16.92 -17.81
N LEU D 73 -22.01 15.60 -17.86
CA LEU D 73 -23.28 14.95 -18.15
C LEU D 73 -24.34 15.35 -17.13
N GLU D 74 -23.99 15.31 -15.83
CA GLU D 74 -24.85 15.69 -14.70
C GLU D 74 -25.35 17.15 -14.80
N GLU D 75 -24.51 18.03 -15.37
CA GLU D 75 -24.78 19.44 -15.61
C GLU D 75 -25.72 19.59 -16.81
N ILE D 76 -25.47 18.83 -17.90
CA ILE D 76 -26.30 18.83 -19.10
C ILE D 76 -27.69 18.30 -18.73
N ASP D 77 -27.74 17.34 -17.78
CA ASP D 77 -28.97 16.74 -17.30
C ASP D 77 -29.84 17.67 -16.46
N THR D 78 -29.33 18.88 -16.08
CA THR D 78 -30.13 19.86 -15.30
C THR D 78 -30.96 20.75 -16.24
N LEU D 79 -30.55 20.86 -17.52
CA LEU D 79 -31.19 21.67 -18.55
C LEU D 79 -32.54 21.12 -18.96
N ILE D 80 -33.55 22.01 -19.00
CA ILE D 80 -34.93 21.74 -19.43
C ILE D 80 -35.11 22.59 -20.68
N LEU D 81 -35.04 21.93 -21.83
CA LEU D 81 -35.14 22.58 -23.12
C LEU D 81 -36.49 22.29 -23.77
N PRO D 82 -37.40 23.28 -23.83
CA PRO D 82 -38.72 23.04 -24.44
C PRO D 82 -38.62 22.67 -25.92
N GLU D 83 -39.67 22.00 -26.45
CA GLU D 83 -39.78 21.53 -27.83
C GLU D 83 -39.43 22.59 -28.89
N ASN D 84 -39.81 23.83 -28.65
CA ASN D 84 -39.51 24.92 -29.58
C ASN D 84 -38.00 25.18 -29.73
N PHE D 85 -37.25 24.93 -28.65
CA PHE D 85 -35.81 25.13 -28.64
C PHE D 85 -35.12 23.94 -29.30
N LYS D 86 -35.32 23.82 -30.61
CA LYS D 86 -34.75 22.76 -31.42
C LYS D 86 -33.23 22.75 -31.59
N ASP D 87 -32.66 23.94 -31.78
CA ASP D 87 -31.22 24.11 -31.97
C ASP D 87 -30.46 23.77 -30.68
N SER D 88 -31.09 24.02 -29.51
CA SER D 88 -30.53 23.71 -28.19
C SER D 88 -30.63 22.22 -27.89
N ARG D 89 -31.69 21.55 -28.37
CA ARG D 89 -31.87 20.10 -28.15
C ARG D 89 -30.90 19.31 -29.04
N LEU D 90 -30.52 19.88 -30.21
CA LEU D 90 -29.56 19.27 -31.13
C LEU D 90 -28.14 19.40 -30.56
N LYS D 91 -27.80 20.58 -29.98
CA LYS D 91 -26.50 20.84 -29.38
C LYS D 91 -26.30 19.94 -28.16
N ARG D 92 -27.37 19.74 -27.35
CA ARG D 92 -27.40 18.89 -26.15
C ARG D 92 -27.30 17.40 -26.52
N LYS D 93 -27.94 16.96 -27.62
CA LYS D 93 -27.83 15.57 -28.08
C LYS D 93 -26.39 15.26 -28.58
N GLY D 94 -25.81 16.15 -29.42
CA GLY D 94 -24.48 15.98 -29.98
C GLY D 94 -23.35 16.02 -28.96
N LEU D 95 -23.51 16.87 -27.92
CA LEU D 95 -22.55 16.99 -26.84
C LEU D 95 -22.59 15.73 -25.94
N VAL D 96 -23.80 15.25 -25.59
CA VAL D 96 -24.00 14.02 -24.79
C VAL D 96 -23.35 12.82 -25.54
N LYS D 97 -23.60 12.71 -26.87
CA LYS D 97 -23.07 11.65 -27.73
C LYS D 97 -21.53 11.70 -27.83
N LYS D 98 -20.96 12.92 -27.92
CA LYS D 98 -19.51 13.13 -27.98
C LYS D 98 -18.86 12.65 -26.66
N VAL D 99 -19.36 13.15 -25.50
CA VAL D 99 -18.91 12.80 -24.14
C VAL D 99 -18.97 11.27 -23.92
N GLN D 100 -20.05 10.61 -24.40
CA GLN D 100 -20.24 9.16 -24.30
C GLN D 100 -19.32 8.35 -25.22
N ALA D 101 -18.88 8.94 -26.34
CA ALA D 101 -17.92 8.32 -27.26
C ALA D 101 -16.51 8.44 -26.68
N PHE D 102 -16.25 9.53 -25.92
CA PHE D 102 -14.98 9.77 -25.23
C PHE D 102 -14.90 8.83 -24.03
N LEU D 103 -16.04 8.63 -23.32
CA LEU D 103 -16.13 7.72 -22.16
C LEU D 103 -15.84 6.27 -22.59
N ALA D 104 -16.22 5.90 -23.83
CA ALA D 104 -15.93 4.58 -24.41
C ALA D 104 -14.44 4.46 -24.72
N GLU D 105 -13.78 5.60 -25.06
CA GLU D 105 -12.35 5.68 -25.31
C GLU D 105 -11.61 5.62 -23.98
N CYS D 106 -12.21 6.19 -22.92
CA CYS D 106 -11.71 6.20 -21.54
C CYS D 106 -11.67 4.77 -21.00
N ASP D 107 -12.71 3.98 -21.33
CA ASP D 107 -12.88 2.59 -20.93
C ASP D 107 -11.89 1.67 -21.63
N THR D 108 -11.53 2.01 -22.89
CA THR D 108 -10.57 1.31 -23.75
C THR D 108 -9.17 1.42 -23.09
N VAL D 109 -8.82 2.63 -22.58
CA VAL D 109 -7.56 2.91 -21.88
C VAL D 109 -7.50 2.07 -20.58
N GLU D 110 -8.62 2.02 -19.83
CA GLU D 110 -8.75 1.23 -18.60
C GLU D 110 -8.52 -0.27 -18.85
N GLN D 111 -9.01 -0.79 -20.01
CA GLN D 111 -8.86 -2.17 -20.50
C GLN D 111 -7.40 -2.51 -20.79
N ASN D 112 -6.60 -1.53 -21.20
CA ASN D 112 -5.18 -1.68 -21.56
C ASN D 112 -4.19 -1.40 -20.41
N ILE D 113 -4.72 -1.11 -19.20
CA ILE D 113 -3.88 -0.82 -18.03
C ILE D 113 -4.31 -1.63 -16.79
N CYS D 114 -3.39 -1.78 -15.83
CA CYS D 114 -3.61 -2.46 -14.53
C CYS D 114 -4.23 -3.87 -14.66
N GLN D 115 -3.79 -4.62 -15.69
CA GLN D 115 -4.26 -5.98 -15.97
C GLN D 115 -3.36 -7.05 -15.32
#